data_6JU9
#
_entry.id   6JU9
#
_cell.length_a   54.544
_cell.length_b   104.970
_cell.length_c   154.877
_cell.angle_alpha   90.00
_cell.angle_beta   90.00
_cell.angle_gamma   90.00
#
_symmetry.space_group_name_H-M   'P 21 21 21'
#
loop_
_entity.id
_entity.type
_entity.pdbx_description
1 polymer Tyrosinase
2 non-polymer TYROSINE
3 non-polymer 3,4-DIHYDROXYPHENYLALANINE
4 non-polymer 'COPPER (II) ION'
5 non-polymer 'NITRATE ION'
6 water water
#
_entity_poly.entity_id   1
_entity_poly.type   'polypeptide(L)'
_entity_poly.pdbx_seq_one_letter_code
;GPGGSPYLITGIPKDPKHPLPIRKDIDDWYLEQTSAGSNRIQLTLFVEALTVIQNRPLNDQLSYFRLAGIHGAPWTEWDG
VPGGQKDSKGNPTGFAVHNNYTFPTWHRVYVTLYEQVIYEAMLDFIKQNVPQNGKADWENEAKQWRLPYWDFARFARHGH
DNTQGDELRLPILVTMPMVKVLVPGQPGKQLSKPNPLYRFQMQTLMGTLERPYAITSQKTEEHGWSFDLPFDKCQSTTKY
GLLENYNADVWADGGQNWLRANLALNEHPWYQNLDGWDSVPTLQDMTFRLLTTGGLNWGEFSSTRYDDKKEETQPKNNEQ
APKNWMNLEAIHNNVHNWVGGFMFSRPGRHDLKLWGAGHMSSVPVAAYDPIFWLHHCNIDRLTAIWQTVNSGSWFNDDKS
KVSKDDDLRPFHRFCEKTRKVVFFRSDDVKDWRSLNYDYAITKDASRIRKEISDLYGQRTK
;
_entity_poly.pdbx_strand_id   A,B
#
# COMPACT_ATOMS: atom_id res chain seq x y z
N SER A 5 14.60 26.77 -24.06
CA SER A 5 15.50 25.76 -24.65
C SER A 5 16.56 26.37 -25.54
N PRO A 6 17.78 25.84 -25.51
CA PRO A 6 18.20 24.67 -24.74
C PRO A 6 18.32 24.92 -23.24
N TYR A 7 18.08 23.84 -22.51
CA TYR A 7 18.31 23.83 -21.06
C TYR A 7 19.73 23.36 -20.80
N LEU A 8 20.57 24.26 -20.30
CA LEU A 8 22.00 23.98 -20.19
C LEU A 8 22.28 23.32 -18.84
N ILE A 9 22.69 22.05 -18.90
CA ILE A 9 22.92 21.29 -17.69
C ILE A 9 24.34 21.54 -17.16
N THR A 10 24.44 21.88 -15.88
CA THR A 10 25.69 22.28 -15.25
C THR A 10 25.93 21.57 -13.93
N GLY A 11 24.86 21.01 -13.36
CA GLY A 11 24.98 20.70 -11.93
C GLY A 11 24.65 21.97 -11.15
N ILE A 12 24.49 21.82 -9.84
CA ILE A 12 24.17 23.03 -9.06
C ILE A 12 25.35 23.96 -9.13
N PRO A 13 25.14 25.26 -9.36
CA PRO A 13 26.28 26.18 -9.54
C PRO A 13 27.22 26.20 -8.34
N LYS A 14 28.49 26.45 -8.61
CA LYS A 14 29.51 26.53 -7.58
C LYS A 14 29.31 27.80 -6.75
N ASP A 15 29.33 27.61 -5.45
CA ASP A 15 29.31 28.68 -4.45
C ASP A 15 30.53 28.49 -3.54
N PRO A 16 31.34 29.54 -3.41
CA PRO A 16 32.64 29.38 -2.74
C PRO A 16 32.47 28.97 -1.29
N LYS A 17 31.29 29.24 -0.73
CA LYS A 17 31.06 28.89 0.67
C LYS A 17 30.58 27.45 0.80
N HIS A 18 30.43 26.76 -0.34
CA HIS A 18 29.94 25.38 -0.31
C HIS A 18 30.71 24.47 -1.24
N PRO A 19 31.94 24.11 -0.86
CA PRO A 19 32.80 23.29 -1.72
C PRO A 19 32.27 21.85 -1.79
N LEU A 20 32.10 21.37 -3.01
CA LEU A 20 31.69 20.01 -3.32
C LEU A 20 30.81 19.37 -2.27
N PRO A 21 29.58 19.85 -2.13
CA PRO A 21 28.60 19.24 -1.24
C PRO A 21 28.30 17.79 -1.60
N ILE A 22 27.97 17.01 -0.59
CA ILE A 22 27.78 15.58 -0.77
C ILE A 22 26.33 15.15 -0.96
N ARG A 23 26.16 14.16 -1.82
CA ARG A 23 24.90 13.39 -1.90
C ARG A 23 24.91 12.36 -0.79
N LYS A 24 23.94 12.46 0.13
CA LYS A 24 23.92 11.62 1.31
C LYS A 24 23.00 10.42 1.15
N ASP A 25 23.23 9.41 1.99
CA ASP A 25 22.31 8.25 2.07
C ASP A 25 20.94 8.78 2.51
N ILE A 26 19.90 8.49 1.72
CA ILE A 26 18.60 9.07 2.00
C ILE A 26 18.03 8.68 3.36
N ASP A 27 18.35 7.49 3.88
CA ASP A 27 17.93 7.14 5.24
C ASP A 27 18.74 7.94 6.25
N ASP A 28 20.07 8.04 6.11
CA ASP A 28 20.82 8.88 7.03
C ASP A 28 20.30 10.32 7.01
N TRP A 29 20.09 10.82 5.81
CA TRP A 29 19.61 12.17 5.63
C TRP A 29 18.26 12.34 6.29
N TYR A 30 17.34 11.41 6.10
CA TYR A 30 15.99 11.53 6.67
C TYR A 30 16.06 11.58 8.20
N LEU A 31 16.92 10.74 8.77
CA LEU A 31 17.07 10.72 10.23
C LEU A 31 17.74 12.00 10.70
N GLU A 32 18.73 12.49 9.96
CA GLU A 32 19.37 13.75 10.32
C GLU A 32 18.34 14.87 10.40
N GLN A 33 17.46 14.88 9.41
CA GLN A 33 16.44 15.90 9.25
C GLN A 33 15.42 15.84 10.37
N THR A 34 15.07 14.65 10.83
CA THR A 34 13.89 14.50 11.68
C THR A 34 14.27 14.13 13.10
N SER A 35 15.56 14.07 13.39
CA SER A 35 16.07 14.04 14.75
C SER A 35 15.73 15.31 15.52
N SER A 38 18.91 19.71 14.62
CA SER A 38 18.26 18.58 13.98
C SER A 38 17.08 19.10 13.17
N ASN A 39 17.39 19.86 12.11
CA ASN A 39 16.30 20.59 11.49
C ASN A 39 15.87 20.01 10.14
N ARG A 40 14.68 20.42 9.75
CA ARG A 40 13.86 19.98 8.66
C ARG A 40 13.88 20.93 7.47
N ILE A 41 14.91 21.78 7.35
CA ILE A 41 14.89 22.70 6.21
C ILE A 41 15.17 21.96 4.92
N GLN A 42 16.21 21.13 4.80
CA GLN A 42 16.40 20.45 3.52
C GLN A 42 15.23 19.54 3.17
N LEU A 43 14.65 18.86 4.16
CA LEU A 43 13.50 18.00 3.88
C LEU A 43 12.33 18.80 3.33
N THR A 44 12.10 19.96 3.96
CA THR A 44 11.03 20.83 3.49
C THR A 44 11.28 21.33 2.07
N LEU A 45 12.51 21.77 1.79
CA LEU A 45 12.88 22.20 0.45
C LEU A 45 12.66 21.11 -0.59
N PHE A 46 13.11 19.90 -0.29
CA PHE A 46 12.99 18.81 -1.27
C PHE A 46 11.51 18.50 -1.52
N VAL A 47 10.78 18.36 -0.43
CA VAL A 47 9.35 18.03 -0.57
C VAL A 47 8.60 19.11 -1.32
N GLU A 48 8.82 20.38 -0.95
CA GLU A 48 8.08 21.46 -1.59
C GLU A 48 8.50 21.65 -3.05
N ALA A 49 9.80 21.54 -3.34
CA ALA A 49 10.27 21.71 -4.71
C ALA A 49 9.79 20.58 -5.60
N LEU A 50 9.89 19.34 -5.11
CA LEU A 50 9.47 18.22 -5.98
C LEU A 50 7.97 18.25 -6.20
N THR A 51 7.23 18.68 -5.19
CA THR A 51 5.79 18.87 -5.37
C THR A 51 5.53 19.89 -6.47
N VAL A 52 6.19 21.05 -6.44
CA VAL A 52 6.00 22.01 -7.54
C VAL A 52 6.30 21.37 -8.88
N ILE A 53 7.43 20.66 -8.96
CA ILE A 53 7.86 20.12 -10.25
C ILE A 53 6.86 19.09 -10.75
N GLN A 54 6.33 18.26 -9.84
CA GLN A 54 5.32 17.29 -10.26
C GLN A 54 4.03 17.90 -10.73
N ASN A 55 3.70 19.11 -10.25
CA ASN A 55 2.44 19.75 -10.65
C ASN A 55 2.56 20.68 -11.84
N ARG A 56 3.74 20.82 -12.43
CA ARG A 56 3.91 21.60 -13.65
C ARG A 56 3.22 20.87 -14.80
N PRO A 57 2.71 21.64 -15.78
CA PRO A 57 1.97 21.04 -16.89
C PRO A 57 2.86 20.35 -17.93
N LEU A 58 2.20 19.56 -18.78
CA LEU A 58 2.91 18.79 -19.79
C LEU A 58 3.70 19.69 -20.74
N ASN A 59 3.24 20.91 -20.98
CA ASN A 59 3.94 21.77 -21.94
C ASN A 59 5.19 22.37 -21.33
N ASP A 60 5.44 22.10 -20.06
CA ASP A 60 6.68 22.54 -19.41
C ASP A 60 7.67 21.39 -19.41
N GLN A 61 8.79 21.56 -20.12
CA GLN A 61 9.69 20.42 -20.27
C GLN A 61 10.44 20.13 -18.97
N LEU A 62 10.26 21.03 -17.99
CA LEU A 62 10.83 20.79 -16.66
C LEU A 62 9.78 20.31 -15.67
N SER A 63 8.64 19.85 -16.17
CA SER A 63 7.71 19.12 -15.30
C SER A 63 8.24 17.73 -14.98
N TYR A 64 7.77 17.17 -13.86
CA TYR A 64 8.21 15.81 -13.54
C TYR A 64 7.89 14.84 -14.67
N PHE A 65 6.66 14.93 -15.21
CA PHE A 65 6.27 13.98 -16.26
C PHE A 65 7.24 14.07 -17.43
N ARG A 66 7.58 15.29 -17.86
CA ARG A 66 8.45 15.41 -19.04
C ARG A 66 9.88 15.02 -18.73
N LEU A 67 10.32 15.25 -17.49
CA LEU A 67 11.68 14.81 -17.14
C LEU A 67 11.76 13.30 -17.11
N ALA A 68 10.79 12.65 -16.48
CA ALA A 68 10.68 11.19 -16.50
C ALA A 68 10.52 10.67 -17.93
N GLY A 69 9.78 11.42 -18.74
CA GLY A 69 9.58 11.14 -20.15
C GLY A 69 10.85 11.06 -20.96
N ILE A 70 11.95 11.68 -20.53
CA ILE A 70 13.19 11.57 -21.31
C ILE A 70 13.63 10.12 -21.42
N HIS A 71 13.42 9.37 -20.33
CA HIS A 71 13.95 8.03 -20.23
C HIS A 71 13.32 7.06 -21.22
N GLY A 72 12.00 7.12 -21.36
CA GLY A 72 11.24 6.10 -22.06
C GLY A 72 9.96 6.64 -22.66
N ALA A 73 8.85 5.97 -22.38
CA ALA A 73 7.55 6.38 -22.89
C ALA A 73 7.17 7.72 -22.29
N PRO A 74 6.42 8.58 -22.98
CA PRO A 74 5.77 8.31 -24.25
C PRO A 74 6.60 8.51 -25.51
N TRP A 75 7.92 8.59 -25.37
CA TRP A 75 8.83 8.59 -26.53
C TRP A 75 8.70 9.86 -27.36
N THR A 76 8.66 11.01 -26.69
CA THR A 76 8.51 12.27 -27.41
C THR A 76 9.81 13.07 -27.42
N GLU A 77 9.77 14.22 -28.09
CA GLU A 77 10.85 15.18 -28.04
C GLU A 77 11.07 15.72 -26.63
N TRP A 78 12.29 16.16 -26.37
CA TRP A 78 12.65 16.91 -25.19
C TRP A 78 13.75 17.92 -25.56
N ASP A 79 13.64 19.15 -25.08
CA ASP A 79 14.64 20.21 -25.26
C ASP A 79 15.02 20.38 -26.72
N GLY A 80 14.04 20.24 -27.61
CA GLY A 80 14.29 20.48 -29.03
C GLY A 80 14.94 19.31 -29.73
N VAL A 81 15.09 18.19 -29.03
CA VAL A 81 15.69 16.98 -29.60
C VAL A 81 14.58 15.99 -29.93
N PRO A 82 14.42 15.59 -31.19
CA PRO A 82 13.21 14.81 -31.51
C PRO A 82 13.26 13.39 -30.93
N GLY A 83 12.06 12.83 -30.69
CA GLY A 83 11.93 11.41 -30.44
C GLY A 83 11.92 10.62 -31.75
N GLY A 84 11.47 9.37 -31.71
CA GLY A 84 11.40 8.50 -32.87
C GLY A 84 12.46 7.42 -32.84
N GLN A 85 13.07 7.25 -31.68
CA GLN A 85 14.17 6.30 -31.55
C GLN A 85 13.64 4.88 -31.50
N LYS A 86 14.40 3.92 -32.03
CA LYS A 86 13.97 2.53 -31.95
C LYS A 86 14.98 1.71 -31.17
N ASP A 87 14.48 0.70 -30.46
CA ASP A 87 15.39 -0.18 -29.74
C ASP A 87 15.74 -1.38 -30.61
N SER A 88 16.42 -2.37 -30.03
CA SER A 88 16.92 -3.52 -30.75
C SER A 88 15.81 -4.44 -31.27
N LYS A 89 14.59 -4.29 -30.79
CA LYS A 89 13.42 -5.04 -31.23
C LYS A 89 12.67 -4.26 -32.31
N GLY A 90 13.15 -3.05 -32.62
CA GLY A 90 12.52 -2.17 -33.58
C GLY A 90 11.33 -1.45 -32.99
N ASN A 91 11.16 -1.50 -31.65
CA ASN A 91 10.04 -0.77 -31.07
C ASN A 91 10.45 0.64 -30.69
N PRO A 92 9.48 1.53 -30.52
CA PRO A 92 9.78 2.85 -29.97
C PRO A 92 10.56 2.77 -28.66
N THR A 93 11.54 3.65 -28.52
CA THR A 93 12.31 3.68 -27.28
C THR A 93 12.69 5.10 -26.89
N GLY A 94 13.16 5.27 -25.67
CA GLY A 94 13.50 6.58 -25.16
C GLY A 94 14.95 6.94 -25.41
N PHE A 95 15.36 8.06 -24.82
CA PHE A 95 16.75 8.50 -24.96
C PHE A 95 17.71 7.69 -24.10
N ALA A 96 17.19 7.04 -23.06
CA ALA A 96 18.06 6.34 -22.11
C ALA A 96 18.92 5.30 -22.80
N VAL A 97 20.17 5.21 -22.32
CA VAL A 97 21.08 4.19 -22.82
C VAL A 97 21.01 2.96 -21.93
N HIS A 98 20.57 1.86 -22.53
CA HIS A 98 20.63 0.55 -21.89
C HIS A 98 21.39 -0.44 -22.77
N ASN A 99 22.07 -1.38 -22.16
CA ASN A 99 22.84 -2.39 -22.91
C ASN A 99 23.89 -1.74 -23.79
N ASN A 100 24.54 -0.69 -23.30
CA ASN A 100 25.75 -0.17 -23.94
C ASN A 100 26.65 0.45 -22.88
N TYR A 101 27.91 0.69 -23.23
CA TYR A 101 28.93 1.08 -22.24
C TYR A 101 28.76 2.50 -21.74
N THR A 102 27.94 3.28 -22.43
CA THR A 102 27.55 4.59 -21.95
C THR A 102 26.37 4.54 -20.99
N PHE A 103 25.92 3.37 -20.60
CA PHE A 103 24.87 3.29 -19.57
C PHE A 103 25.20 4.12 -18.33
N PRO A 104 26.38 3.99 -17.71
CA PRO A 104 26.63 4.77 -16.49
C PRO A 104 26.69 6.27 -16.76
N THR A 105 27.26 6.68 -17.90
CA THR A 105 27.50 8.11 -18.10
C THR A 105 26.24 8.82 -18.57
N TRP A 106 25.42 8.19 -19.40
CA TRP A 106 24.10 8.75 -19.75
C TRP A 106 23.33 9.01 -18.47
N HIS A 107 23.31 8.05 -17.56
CA HIS A 107 22.50 8.19 -16.34
C HIS A 107 23.13 9.19 -15.39
N ARG A 108 24.45 9.36 -15.40
CA ARG A 108 25.10 10.35 -14.56
C ARG A 108 24.57 11.74 -14.92
N VAL A 109 24.49 12.03 -16.22
CA VAL A 109 23.94 13.33 -16.65
C VAL A 109 22.47 13.42 -16.30
N TYR A 110 21.69 12.35 -16.50
CA TYR A 110 20.24 12.40 -16.25
C TYR A 110 19.96 12.72 -14.80
N VAL A 111 20.69 12.06 -13.90
CA VAL A 111 20.46 12.32 -12.46
C VAL A 111 20.84 13.76 -12.13
N THR A 112 21.92 14.28 -12.77
CA THR A 112 22.28 15.67 -12.47
C THR A 112 21.26 16.65 -12.99
N LEU A 113 20.64 16.38 -14.15
CA LEU A 113 19.54 17.22 -14.62
C LEU A 113 18.43 17.32 -13.58
N TYR A 114 18.04 16.15 -13.05
CA TYR A 114 16.97 16.11 -12.05
C TYR A 114 17.36 16.92 -10.82
N GLU A 115 18.57 16.69 -10.30
CA GLU A 115 19.03 17.44 -9.12
C GLU A 115 19.03 18.93 -9.39
N GLN A 116 19.52 19.34 -10.56
CA GLN A 116 19.59 20.76 -10.88
C GLN A 116 18.21 21.40 -10.97
N VAL A 117 17.29 20.69 -11.61
CA VAL A 117 15.91 21.23 -11.71
C VAL A 117 15.31 21.38 -10.32
N ILE A 118 15.55 20.38 -9.45
CA ILE A 118 15.03 20.49 -8.08
C ILE A 118 15.62 21.67 -7.34
N TYR A 119 16.93 21.88 -7.40
CA TYR A 119 17.59 23.01 -6.74
C TYR A 119 17.03 24.33 -7.26
N GLU A 120 16.84 24.45 -8.57
CA GLU A 120 16.28 25.70 -9.09
C GLU A 120 14.89 25.95 -8.54
N ALA A 121 14.10 24.90 -8.38
CA ALA A 121 12.78 25.04 -7.77
C ALA A 121 12.89 25.36 -6.28
N MET A 122 13.90 24.87 -5.57
CA MET A 122 14.09 25.25 -4.17
C MET A 122 14.38 26.74 -4.04
N LEU A 123 15.16 27.30 -4.97
CA LEU A 123 15.46 28.74 -4.89
C LEU A 123 14.18 29.53 -5.12
N ASP A 124 13.33 29.08 -6.05
CA ASP A 124 12.06 29.79 -6.27
C ASP A 124 11.20 29.73 -5.01
N PHE A 125 11.22 28.57 -4.34
CA PHE A 125 10.44 28.36 -3.13
C PHE A 125 10.85 29.36 -2.04
N ILE A 126 12.16 29.48 -1.86
CA ILE A 126 12.70 30.36 -0.82
C ILE A 126 12.36 31.82 -1.08
N LYS A 127 12.48 32.20 -2.35
CA LYS A 127 12.22 33.59 -2.71
C LYS A 127 10.76 33.93 -2.41
N GLN A 128 9.86 32.97 -2.66
CA GLN A 128 8.42 33.19 -2.51
C GLN A 128 7.89 32.91 -1.11
N ASN A 129 8.60 32.16 -0.27
CA ASN A 129 8.00 31.68 0.98
C ASN A 129 8.79 31.93 2.24
N VAL A 130 10.07 32.28 2.14
CA VAL A 130 10.92 32.48 3.33
C VAL A 130 11.07 33.97 3.59
N PRO A 131 10.81 34.45 4.80
CA PRO A 131 10.89 35.89 5.06
C PRO A 131 12.36 36.29 5.18
N GLN A 132 12.61 37.58 4.96
CA GLN A 132 13.96 38.10 4.88
C GLN A 132 14.82 37.49 5.97
N ASN A 133 14.29 37.52 7.20
CA ASN A 133 15.06 37.11 8.37
C ASN A 133 15.63 35.71 8.19
N GLY A 134 14.93 34.90 7.39
CA GLY A 134 15.27 33.50 7.18
C GLY A 134 15.99 33.18 5.90
N LYS A 135 16.17 34.12 4.98
CA LYS A 135 16.68 33.73 3.68
C LYS A 135 18.08 33.18 3.73
N ALA A 136 19.00 33.85 4.42
CA ALA A 136 20.39 33.38 4.44
C ALA A 136 20.46 31.91 4.84
N ASP A 137 19.77 31.55 5.92
CA ASP A 137 19.82 30.18 6.39
C ASP A 137 19.21 29.19 5.41
N TRP A 138 18.07 29.52 4.80
CA TRP A 138 17.40 28.60 3.88
C TRP A 138 18.21 28.46 2.60
N GLU A 139 18.76 29.57 2.11
CA GLU A 139 19.62 29.49 0.91
C GLU A 139 20.85 28.65 1.19
N ASN A 140 21.46 28.81 2.36
CA ASN A 140 22.56 27.96 2.80
C ASN A 140 22.22 26.49 2.70
N GLU A 141 21.05 26.09 3.21
CA GLU A 141 20.60 24.71 3.14
C GLU A 141 20.35 24.26 1.69
N ALA A 142 19.74 25.07 0.84
CA ALA A 142 19.57 24.68 -0.56
C ALA A 142 20.90 24.47 -1.25
N LYS A 143 21.86 25.34 -0.95
CA LYS A 143 23.16 25.26 -1.59
C LYS A 143 23.97 24.09 -1.07
N GLN A 144 23.62 23.61 0.12
CA GLN A 144 24.27 22.40 0.61
C GLN A 144 23.58 21.13 0.12
N TRP A 145 22.29 21.21 -0.15
CA TRP A 145 21.53 20.03 -0.55
C TRP A 145 22.02 19.42 -1.85
N ARG A 146 22.05 18.09 -1.84
CA ARG A 146 22.28 17.33 -3.08
C ARG A 146 21.32 16.15 -3.09
N LEU A 147 21.05 15.60 -4.26
CA LEU A 147 20.09 14.50 -4.34
C LEU A 147 20.57 13.33 -3.50
N PRO A 148 19.81 12.88 -2.52
CA PRO A 148 20.21 11.70 -1.74
C PRO A 148 20.18 10.44 -2.60
N TYR A 149 20.97 9.46 -2.16
CA TYR A 149 20.99 8.16 -2.85
C TYR A 149 20.33 7.10 -1.98
N TRP A 150 19.73 6.10 -2.64
CA TRP A 150 19.21 4.95 -1.91
C TRP A 150 20.25 3.85 -1.92
N ASP A 151 20.79 3.55 -0.73
CA ASP A 151 21.80 2.49 -0.67
C ASP A 151 21.12 1.14 -0.58
N PHE A 152 20.82 0.58 -1.75
CA PHE A 152 20.08 -0.68 -1.79
C PHE A 152 20.91 -1.85 -1.26
N ALA A 153 22.21 -1.67 -1.04
CA ALA A 153 23.06 -2.76 -0.62
C ALA A 153 23.48 -2.66 0.83
N ARG A 154 23.01 -1.65 1.55
CA ARG A 154 23.36 -1.41 2.94
C ARG A 154 22.23 -1.84 3.86
N PHE A 155 22.51 -2.61 4.90
CA PHE A 155 21.45 -2.97 5.85
C PHE A 155 20.86 -1.71 6.49
N ALA A 156 19.54 -1.64 6.52
CA ALA A 156 18.83 -0.49 7.09
C ALA A 156 19.09 -0.42 8.58
N ARG A 157 19.22 0.77 9.16
CA ARG A 157 19.51 0.78 10.60
C ARG A 157 18.28 0.48 11.43
N HIS A 158 18.51 0.08 12.67
CA HIS A 158 17.44 -0.09 13.64
C HIS A 158 17.52 1.03 14.68
N GLY A 159 16.83 2.13 14.43
CA GLY A 159 16.95 3.28 15.34
C GLY A 159 17.92 4.30 14.75
N GLY A 165 21.76 -3.04 11.62
CA GLY A 165 20.62 -3.53 10.84
C GLY A 165 20.91 -4.87 10.20
N ASP A 166 19.89 -5.63 9.81
CA ASP A 166 20.16 -6.98 9.32
C ASP A 166 19.57 -7.26 7.94
N GLU A 167 18.87 -6.28 7.38
CA GLU A 167 18.17 -6.49 6.13
C GLU A 167 18.16 -5.25 5.25
N LEU A 168 17.97 -5.49 3.96
CA LEU A 168 17.89 -4.38 3.00
C LEU A 168 16.47 -3.88 2.89
N ARG A 169 16.32 -2.57 2.67
CA ARG A 169 14.96 -2.01 2.66
C ARG A 169 14.86 -0.85 1.68
N LEU A 170 13.68 -0.64 1.12
CA LEU A 170 13.41 0.66 0.47
C LEU A 170 13.61 1.78 1.48
N PRO A 171 13.89 2.99 1.02
CA PRO A 171 14.06 4.11 1.94
C PRO A 171 12.86 4.36 2.83
N ILE A 172 13.13 4.74 4.08
CA ILE A 172 12.07 5.17 4.98
C ILE A 172 11.10 6.11 4.28
N LEU A 173 11.68 7.17 3.71
CA LEU A 173 10.79 8.23 3.22
C LEU A 173 9.98 7.74 2.03
N VAL A 174 10.51 6.80 1.25
CA VAL A 174 9.75 6.30 0.11
C VAL A 174 8.52 5.54 0.53
N THR A 175 8.47 5.01 1.76
CA THR A 175 7.36 4.18 2.19
C THR A 175 6.30 4.96 2.97
N MET A 176 6.47 6.27 3.16
CA MET A 176 5.56 7.12 3.90
C MET A 176 4.60 7.83 2.95
N PRO A 177 3.29 7.62 3.04
CA PRO A 177 2.38 8.39 2.18
C PRO A 177 2.39 9.88 2.47
N MET A 178 2.64 10.29 3.70
CA MET A 178 2.64 11.71 4.08
C MET A 178 3.94 12.09 4.76
N VAL A 179 4.30 13.36 4.76
CA VAL A 179 5.56 13.76 5.38
C VAL A 179 5.38 15.12 6.05
N LYS A 180 6.05 15.36 7.17
CA LYS A 180 5.87 16.66 7.84
C LYS A 180 6.96 17.64 7.41
N VAL A 181 6.54 18.85 7.03
CA VAL A 181 7.46 19.92 6.65
C VAL A 181 7.31 21.16 7.52
N LEU A 182 8.34 22.02 7.47
CA LEU A 182 8.30 23.29 8.18
C LEU A 182 7.38 24.29 7.48
N VAL A 183 6.82 25.20 8.27
CA VAL A 183 6.22 26.41 7.72
C VAL A 183 7.19 27.59 7.83
N PRO A 184 7.71 28.00 6.68
CA PRO A 184 8.68 29.10 6.66
C PRO A 184 8.16 30.37 7.31
N GLY A 185 8.98 30.92 8.21
CA GLY A 185 8.59 32.17 8.85
C GLY A 185 7.54 31.95 9.93
N GLN A 186 7.16 30.70 10.20
CA GLN A 186 6.39 30.39 11.39
C GLN A 186 7.13 29.35 12.23
N PRO A 187 8.31 29.75 12.73
CA PRO A 187 9.15 28.78 13.46
C PRO A 187 8.34 28.13 14.58
N GLY A 188 8.45 26.82 14.70
CA GLY A 188 7.66 26.02 15.61
C GLY A 188 6.48 25.36 14.92
N LYS A 189 6.11 25.83 13.74
CA LYS A 189 4.95 25.26 13.06
C LYS A 189 5.34 24.27 11.97
N GLN A 190 4.60 23.17 11.89
CA GLN A 190 4.79 22.18 10.85
C GLN A 190 3.46 21.70 10.26
N LEU A 191 3.53 21.11 9.07
CA LEU A 191 2.36 20.64 8.33
C LEU A 191 2.60 19.25 7.74
N SER A 192 1.59 18.40 7.78
CA SER A 192 1.66 17.10 7.08
C SER A 192 1.16 17.21 5.65
N LYS A 193 1.97 16.79 4.67
CA LYS A 193 1.62 16.93 3.26
C LYS A 193 1.81 15.61 2.53
N PRO A 194 1.10 15.40 1.43
CA PRO A 194 1.40 14.21 0.62
C PRO A 194 2.87 14.22 0.23
N ASN A 195 3.47 13.03 0.34
CA ASN A 195 4.90 12.89 0.08
C ASN A 195 5.19 12.64 -1.39
N PRO A 196 5.90 13.55 -2.05
CA PRO A 196 6.11 13.39 -3.50
C PRO A 196 7.10 12.29 -3.85
N LEU A 197 7.77 11.71 -2.86
CA LEU A 197 8.64 10.56 -3.10
C LEU A 197 7.91 9.23 -3.04
N TYR A 198 6.66 9.22 -2.57
CA TYR A 198 5.95 7.96 -2.34
C TYR A 198 5.47 7.33 -3.65
N ARG A 199 5.07 8.21 -4.57
CA ARG A 199 4.52 7.80 -5.85
C ARG A 199 4.41 9.03 -6.74
N PHE A 200 4.13 8.81 -8.02
CA PHE A 200 3.75 9.92 -8.90
C PHE A 200 2.43 9.60 -9.58
N GLN A 201 1.55 10.58 -9.60
CA GLN A 201 0.29 10.33 -10.32
C GLN A 201 -0.11 11.56 -11.14
N MET A 202 -0.83 11.28 -12.22
CA MET A 202 -1.43 12.32 -13.04
C MET A 202 -2.86 12.56 -12.57
N GLN A 203 -3.59 13.46 -13.18
CA GLN A 203 -4.97 13.77 -12.80
C GLN A 203 -5.98 12.93 -13.56
N THR A 204 -5.47 12.03 -14.39
CA THR A 204 -6.29 11.14 -15.21
C THR A 204 -5.49 9.86 -15.38
N LEU A 205 -6.11 8.80 -15.90
CA LEU A 205 -5.35 7.64 -16.34
C LEU A 205 -4.26 8.06 -17.32
N MET A 206 -3.06 7.49 -17.20
CA MET A 206 -1.98 7.98 -18.05
C MET A 206 -2.19 7.64 -19.52
N GLY A 207 -2.99 6.64 -19.82
CA GLY A 207 -3.36 6.24 -21.15
C GLY A 207 -4.21 7.26 -21.90
N THR A 208 -4.76 8.26 -21.22
CA THR A 208 -5.67 9.19 -21.89
C THR A 208 -5.15 10.62 -21.94
N LEU A 209 -3.87 10.82 -21.62
CA LEU A 209 -3.25 12.15 -21.70
C LEU A 209 -3.29 12.73 -23.11
N GLU A 210 -3.27 14.07 -23.19
CA GLU A 210 -3.29 14.68 -24.51
C GLU A 210 -2.10 14.20 -25.34
N ARG A 211 -2.36 14.10 -26.65
CA ARG A 211 -1.35 13.81 -27.64
C ARG A 211 -0.20 14.81 -27.56
N PRO A 212 1.05 14.42 -27.69
CA PRO A 212 1.53 13.05 -27.90
C PRO A 212 1.99 12.34 -26.63
N TYR A 213 1.45 12.66 -25.46
CA TYR A 213 1.98 12.20 -24.19
C TYR A 213 1.35 10.94 -23.62
N ALA A 214 0.34 10.35 -24.23
CA ALA A 214 -0.36 9.20 -23.64
C ALA A 214 0.62 8.05 -23.43
N ILE A 215 0.59 7.43 -22.26
CA ILE A 215 1.34 6.22 -21.96
C ILE A 215 0.53 4.99 -22.38
N THR A 216 1.09 4.18 -23.26
CA THR A 216 0.42 2.97 -23.73
C THR A 216 0.72 1.81 -22.79
N SER A 217 -0.04 0.71 -22.95
CA SER A 217 0.42 -0.56 -22.40
C SER A 217 1.82 -0.89 -22.94
N GLN A 218 2.50 -1.78 -22.21
CA GLN A 218 3.89 -2.09 -22.56
C GLN A 218 4.07 -3.61 -22.65
N LYS A 219 4.42 -4.13 -23.82
CA LYS A 219 4.56 -5.57 -24.02
C LYS A 219 5.84 -6.08 -23.38
N THR A 220 5.71 -7.13 -22.58
CA THR A 220 6.85 -7.72 -21.89
C THR A 220 6.75 -9.24 -21.99
N GLU A 221 7.84 -9.97 -21.88
CA GLU A 221 7.79 -11.42 -21.85
C GLU A 221 7.90 -11.94 -20.42
N GLU A 222 7.06 -12.90 -20.08
CA GLU A 222 7.14 -13.64 -18.81
C GLU A 222 7.02 -15.13 -19.12
N HIS A 223 7.98 -15.92 -18.67
CA HIS A 223 8.02 -17.36 -18.94
C HIS A 223 7.80 -17.68 -20.42
N GLY A 224 8.38 -16.86 -21.30
CA GLY A 224 8.36 -17.14 -22.72
C GLY A 224 7.13 -16.63 -23.46
N TRP A 225 6.15 -16.05 -22.77
CA TRP A 225 4.93 -15.54 -23.39
C TRP A 225 4.83 -14.02 -23.25
N SER A 226 4.08 -13.41 -24.16
CA SER A 226 3.88 -11.97 -24.17
C SER A 226 2.70 -11.53 -23.31
N PHE A 227 2.89 -10.44 -22.57
CA PHE A 227 1.88 -9.76 -21.80
C PHE A 227 1.93 -8.26 -22.02
N ASP A 228 0.77 -7.63 -22.11
CA ASP A 228 0.73 -6.17 -22.21
C ASP A 228 0.47 -5.57 -20.84
N LEU A 229 1.53 -5.09 -20.21
CA LEU A 229 1.42 -4.48 -18.87
C LEU A 229 0.55 -3.24 -18.99
N PRO A 230 -0.54 -3.18 -18.21
CA PRO A 230 -1.56 -2.15 -18.43
C PRO A 230 -1.23 -0.79 -17.86
N PHE A 231 -0.08 -0.24 -18.21
CA PHE A 231 0.32 1.07 -17.69
C PHE A 231 -0.56 2.20 -18.20
N ASP A 232 -1.27 1.98 -19.31
CA ASP A 232 -2.24 2.93 -19.81
C ASP A 232 -3.44 3.08 -18.84
N LYS A 233 -3.67 2.08 -17.98
CA LYS A 233 -4.81 2.10 -17.06
C LYS A 233 -4.44 2.59 -15.68
N CYS A 234 -3.20 3.03 -15.50
CA CYS A 234 -2.77 3.54 -14.20
C CYS A 234 -2.90 5.05 -14.15
N GLN A 235 -3.39 5.57 -13.03
CA GLN A 235 -3.29 7.00 -12.75
C GLN A 235 -2.01 7.25 -11.95
N SER A 236 -1.73 6.33 -11.03
CA SER A 236 -0.54 6.42 -10.16
C SER A 236 0.46 5.34 -10.54
N THR A 237 1.73 5.66 -10.32
CA THR A 237 2.74 4.60 -10.30
C THR A 237 2.41 3.61 -9.18
N THR A 238 2.86 2.38 -9.37
CA THR A 238 2.68 1.33 -8.38
C THR A 238 3.93 0.46 -8.25
N LYS A 239 4.15 -0.10 -7.08
CA LYS A 239 5.08 -1.19 -6.81
C LYS A 239 4.26 -2.47 -6.57
N TYR A 240 4.35 -3.45 -7.45
CA TYR A 240 3.70 -4.74 -7.42
C TYR A 240 2.17 -4.71 -7.56
N GLY A 241 1.51 -3.58 -7.78
CA GLY A 241 0.06 -3.50 -7.76
C GLY A 241 -0.68 -3.98 -8.98
N LEU A 242 0.01 -4.31 -10.06
CA LEU A 242 -0.67 -4.76 -11.27
C LEU A 242 -0.61 -6.28 -11.39
N LEU A 243 -1.76 -6.92 -11.32
CA LEU A 243 -1.87 -8.38 -11.42
C LEU A 243 -2.84 -8.74 -12.55
N GLU A 244 -2.50 -9.76 -13.34
CA GLU A 244 -3.41 -10.20 -14.38
C GLU A 244 -4.75 -10.64 -13.81
N ASN A 245 -5.84 -10.34 -14.51
CA ASN A 245 -7.20 -10.73 -14.12
C ASN A 245 -7.66 -10.12 -12.80
N TYR A 246 -7.16 -8.93 -12.52
CA TYR A 246 -7.73 -8.03 -11.55
C TYR A 246 -8.50 -6.92 -12.26
N ASN A 247 -9.54 -6.44 -11.59
CA ASN A 247 -10.35 -5.35 -12.12
C ASN A 247 -9.49 -4.13 -12.39
N ALA A 248 -9.69 -3.49 -13.56
CA ALA A 248 -8.88 -2.35 -13.90
C ALA A 248 -9.06 -1.18 -12.94
N ASP A 249 -10.12 -1.15 -12.16
CA ASP A 249 -10.23 -0.08 -11.17
C ASP A 249 -9.15 -0.22 -10.08
N VAL A 250 -8.65 -1.43 -9.87
CA VAL A 250 -7.51 -1.65 -8.98
C VAL A 250 -6.23 -1.10 -9.61
N TRP A 251 -6.08 -1.31 -10.91
CA TRP A 251 -4.90 -0.87 -11.66
C TRP A 251 -4.71 0.64 -11.63
N ALA A 252 -5.78 1.40 -11.42
CA ALA A 252 -5.69 2.86 -11.45
C ALA A 252 -4.69 3.33 -10.40
N ASP A 253 -4.71 2.65 -9.27
CA ASP A 253 -3.69 2.89 -8.24
C ASP A 253 -3.51 1.60 -7.48
N GLY A 254 -2.52 0.82 -7.89
CA GLY A 254 -2.32 -0.49 -7.30
C GLY A 254 -1.54 -0.50 -6.01
N GLY A 255 -1.15 0.70 -5.53
CA GLY A 255 -0.50 0.78 -4.23
C GLY A 255 1.00 0.77 -4.28
N GLN A 256 1.58 1.18 -3.15
CA GLN A 256 3.02 1.10 -2.94
C GLN A 256 3.27 -0.11 -2.04
N ASN A 257 3.39 -1.29 -2.66
CA ASN A 257 3.44 -2.53 -1.87
C ASN A 257 4.88 -2.80 -1.44
N TRP A 258 5.36 -1.92 -0.55
CA TRP A 258 6.77 -1.86 -0.17
C TRP A 258 7.22 -3.08 0.61
N LEU A 259 6.32 -3.81 1.25
CA LEU A 259 6.72 -5.03 1.94
C LEU A 259 7.17 -6.08 0.93
N ARG A 260 6.51 -6.10 -0.23
CA ARG A 260 6.87 -7.13 -1.21
C ARG A 260 8.18 -6.72 -1.86
N ALA A 261 8.43 -5.42 -2.07
CA ALA A 261 9.72 -4.99 -2.62
C ALA A 261 10.83 -5.37 -1.65
N ASN A 262 10.60 -5.13 -0.36
CA ASN A 262 11.62 -5.48 0.64
C ASN A 262 11.87 -7.00 0.65
N LEU A 263 10.80 -7.79 0.52
CA LEU A 263 10.96 -9.24 0.48
C LEU A 263 11.85 -9.63 -0.70
N ALA A 264 11.57 -9.06 -1.85
CA ALA A 264 12.37 -9.36 -3.05
C ALA A 264 13.82 -8.97 -2.86
N LEU A 265 14.07 -7.80 -2.27
CA LEU A 265 15.48 -7.37 -2.11
C LEU A 265 16.26 -8.39 -1.28
N ASN A 266 15.63 -8.95 -0.25
CA ASN A 266 16.35 -9.88 0.63
C ASN A 266 16.34 -11.31 0.13
N GLU A 267 15.37 -11.66 -0.73
CA GLU A 267 15.41 -12.98 -1.36
C GLU A 267 16.28 -12.99 -2.62
N HIS A 268 16.58 -11.81 -3.17
CA HIS A 268 17.43 -11.63 -4.34
C HIS A 268 17.23 -12.66 -5.45
N PRO A 269 16.05 -12.74 -6.05
CA PRO A 269 15.85 -13.67 -7.17
C PRO A 269 16.45 -13.17 -8.47
N TRP A 270 17.75 -13.38 -8.62
CA TRP A 270 18.47 -12.93 -9.81
C TRP A 270 17.82 -13.48 -11.07
N TYR A 271 17.70 -12.71 -12.15
CA TYR A 271 17.10 -13.32 -13.35
C TYR A 271 18.14 -14.08 -14.17
N GLN A 272 19.42 -13.80 -13.97
CA GLN A 272 20.48 -14.45 -14.71
C GLN A 272 20.69 -15.90 -14.28
N ASN A 273 21.17 -16.72 -15.21
CA ASN A 273 21.53 -18.10 -14.89
C ASN A 273 22.85 -18.14 -14.14
N LEU A 274 22.80 -18.57 -12.88
CA LEU A 274 23.98 -18.64 -12.03
C LEU A 274 24.46 -20.08 -11.86
N ASP A 275 24.03 -20.94 -12.78
CA ASP A 275 24.52 -22.32 -12.75
C ASP A 275 26.04 -22.29 -12.81
N GLY A 276 26.71 -23.01 -11.92
CA GLY A 276 28.15 -23.11 -11.97
C GLY A 276 28.84 -22.12 -11.08
N TRP A 277 28.11 -21.16 -10.52
CA TRP A 277 28.73 -20.17 -9.63
C TRP A 277 29.15 -20.79 -8.31
N ASP A 278 30.06 -20.12 -7.62
CA ASP A 278 30.58 -20.58 -6.34
C ASP A 278 29.48 -20.60 -5.28
N SER A 279 28.60 -19.62 -5.41
CA SER A 279 27.50 -19.43 -4.48
C SER A 279 26.48 -18.50 -5.13
N VAL A 280 25.29 -18.39 -4.57
CA VAL A 280 24.32 -17.40 -5.06
C VAL A 280 24.34 -16.22 -4.09
N PRO A 281 25.00 -15.13 -4.47
CA PRO A 281 25.22 -14.03 -3.54
C PRO A 281 23.93 -13.29 -3.19
N THR A 282 23.91 -12.73 -1.99
CA THR A 282 22.94 -11.71 -1.65
C THR A 282 23.17 -10.42 -2.45
N LEU A 283 22.21 -9.50 -2.42
CA LEU A 283 22.43 -8.22 -3.10
C LEU A 283 23.60 -7.47 -2.52
N GLN A 284 23.76 -7.52 -1.19
CA GLN A 284 24.91 -6.82 -0.59
C GLN A 284 26.23 -7.45 -1.05
N ASP A 285 26.29 -8.78 -1.05
CA ASP A 285 27.54 -9.40 -1.47
C ASP A 285 27.80 -9.20 -2.95
N MET A 286 26.77 -9.25 -3.79
CA MET A 286 27.02 -9.00 -5.21
C MET A 286 27.56 -7.60 -5.42
N THR A 287 27.05 -6.64 -4.64
CA THR A 287 27.55 -5.26 -4.73
C THR A 287 29.00 -5.19 -4.24
N PHE A 288 29.31 -5.90 -3.16
CA PHE A 288 30.69 -5.98 -2.67
C PHE A 288 31.63 -6.51 -3.74
N ARG A 289 31.19 -7.58 -4.43
CA ARG A 289 32.03 -8.20 -5.46
C ARG A 289 32.24 -7.23 -6.62
N LEU A 290 31.22 -6.46 -6.97
CA LEU A 290 31.33 -5.51 -8.05
C LEU A 290 32.44 -4.52 -7.73
N LEU A 291 32.53 -4.09 -6.47
CA LEU A 291 33.42 -2.99 -6.11
C LEU A 291 34.84 -3.47 -5.81
N THR A 292 35.02 -4.77 -5.61
CA THR A 292 36.29 -5.29 -5.14
C THR A 292 36.92 -6.36 -6.03
N THR A 293 36.23 -6.86 -7.04
CA THR A 293 36.87 -7.79 -7.98
C THR A 293 37.93 -7.08 -8.82
N GLY A 294 39.17 -7.57 -8.76
CA GLY A 294 40.26 -6.94 -9.47
C GLY A 294 40.33 -7.31 -10.94
N GLY A 295 41.03 -6.47 -11.71
CA GLY A 295 41.37 -6.81 -13.07
C GLY A 295 40.27 -6.62 -14.09
N LEU A 296 39.23 -5.85 -13.76
CA LEU A 296 38.16 -5.63 -14.71
C LEU A 296 38.35 -4.34 -15.49
N ASN A 297 37.84 -4.35 -16.72
CA ASN A 297 37.91 -3.16 -17.55
C ASN A 297 36.58 -2.41 -17.57
N TRP A 298 36.56 -1.20 -18.14
CA TRP A 298 35.35 -0.39 -18.16
C TRP A 298 34.20 -1.10 -18.85
N GLY A 299 34.48 -1.78 -19.97
CA GLY A 299 33.44 -2.45 -20.72
C GLY A 299 32.75 -3.52 -19.88
N GLU A 300 33.54 -4.31 -19.15
CA GLU A 300 33.03 -5.41 -18.34
C GLU A 300 32.21 -4.89 -17.15
N PHE A 301 32.70 -3.82 -16.53
CA PHE A 301 32.01 -3.23 -15.38
C PHE A 301 30.68 -2.59 -15.75
N SER A 302 30.68 -1.89 -16.89
CA SER A 302 29.63 -0.90 -17.14
C SER A 302 28.34 -1.44 -17.72
N SER A 303 28.36 -2.58 -18.40
CA SER A 303 27.21 -2.90 -19.23
C SER A 303 27.02 -4.38 -19.45
N THR A 304 25.76 -4.76 -19.63
CA THR A 304 25.44 -6.10 -20.12
C THR A 304 25.90 -6.34 -21.55
N ARG A 305 26.33 -5.33 -22.29
CA ARG A 305 26.74 -5.57 -23.67
C ARG A 305 28.03 -6.37 -23.77
N TYR A 306 28.87 -6.31 -22.73
CA TYR A 306 30.20 -6.88 -22.88
C TYR A 306 30.14 -8.38 -23.14
N ASP A 307 29.29 -9.08 -22.38
CA ASP A 307 29.21 -10.53 -22.51
C ASP A 307 27.76 -10.98 -22.63
N ASP A 308 27.26 -11.12 -23.85
CA ASP A 308 25.88 -11.52 -24.09
C ASP A 308 25.47 -12.75 -23.29
N LYS A 309 26.33 -13.76 -23.32
CA LYS A 309 25.95 -15.09 -22.83
C LYS A 309 25.84 -15.09 -21.30
N LYS A 310 26.15 -13.95 -20.67
CA LYS A 310 26.00 -13.87 -19.22
C LYS A 310 24.63 -13.33 -18.85
N GLU A 311 23.77 -13.13 -19.85
CA GLU A 311 22.43 -12.63 -19.58
C GLU A 311 21.37 -13.72 -19.72
N LYS A 323 31.46 -13.88 -13.93
CA LYS A 323 31.81 -15.20 -13.42
C LYS A 323 32.06 -15.11 -11.92
N ASN A 324 31.03 -15.41 -11.13
CA ASN A 324 31.12 -15.16 -9.70
C ASN A 324 31.23 -13.66 -9.41
N TRP A 325 30.98 -12.85 -10.43
CA TRP A 325 30.63 -11.45 -10.19
C TRP A 325 29.68 -10.99 -11.31
N MET A 326 28.94 -9.92 -11.06
CA MET A 326 27.93 -9.38 -11.97
C MET A 326 28.19 -7.89 -12.21
N ASN A 327 28.06 -7.44 -13.45
CA ASN A 327 28.35 -6.05 -13.81
C ASN A 327 27.33 -5.08 -13.22
N LEU A 328 27.66 -3.80 -13.22
CA LEU A 328 26.82 -2.73 -12.68
C LEU A 328 25.40 -2.73 -13.25
N GLU A 329 25.30 -2.83 -14.58
CA GLU A 329 24.00 -2.68 -15.22
C GLU A 329 23.11 -3.87 -14.89
N ALA A 330 23.68 -5.07 -14.86
CA ALA A 330 22.93 -6.28 -14.50
C ALA A 330 22.45 -6.25 -13.07
N ILE A 331 23.27 -5.77 -12.13
CA ILE A 331 22.76 -5.62 -10.76
C ILE A 331 21.61 -4.63 -10.75
N HIS A 332 21.80 -3.49 -11.43
CA HIS A 332 20.79 -2.44 -11.49
C HIS A 332 19.49 -2.96 -12.07
N ASN A 333 19.55 -3.82 -13.09
CA ASN A 333 18.37 -4.37 -13.74
C ASN A 333 17.57 -5.21 -12.74
N ASN A 334 18.28 -6.05 -11.99
CA ASN A 334 17.62 -6.84 -10.95
C ASN A 334 16.96 -5.96 -9.90
N VAL A 335 17.67 -4.92 -9.44
CA VAL A 335 17.05 -4.08 -8.40
C VAL A 335 15.79 -3.42 -8.94
N HIS A 336 15.80 -2.96 -10.19
CA HIS A 336 14.58 -2.43 -10.82
C HIS A 336 13.44 -3.43 -10.70
N ASN A 337 13.68 -4.68 -11.08
CA ASN A 337 12.64 -5.71 -11.02
C ASN A 337 12.11 -5.90 -9.61
N TRP A 338 13.05 -5.95 -8.67
CA TRP A 338 12.68 -6.27 -7.28
C TRP A 338 11.92 -5.13 -6.62
N VAL A 339 12.20 -3.89 -7.01
CA VAL A 339 11.47 -2.75 -6.47
C VAL A 339 10.08 -2.66 -7.11
N GLY A 340 10.00 -2.81 -8.44
CA GLY A 340 8.74 -2.52 -9.09
C GLY A 340 7.78 -3.68 -9.11
N GLY A 341 8.28 -4.91 -9.03
CA GLY A 341 7.46 -6.08 -9.27
C GLY A 341 7.54 -6.50 -10.72
N PHE A 342 7.88 -7.76 -10.96
CA PHE A 342 8.25 -8.26 -12.28
C PHE A 342 7.38 -9.39 -12.77
N MET A 343 6.31 -9.73 -12.07
CA MET A 343 5.41 -10.81 -12.48
C MET A 343 3.97 -10.31 -12.53
N PHE A 344 3.50 -10.00 -13.74
CA PHE A 344 2.10 -9.60 -13.95
C PHE A 344 1.18 -10.81 -13.98
N SER A 345 1.59 -11.80 -14.77
CA SER A 345 0.86 -13.06 -14.80
C SER A 345 1.10 -13.87 -13.54
N ARG A 346 0.10 -14.63 -13.11
CA ARG A 346 0.18 -15.39 -11.86
C ARG A 346 1.19 -16.53 -11.99
N PRO A 347 2.15 -16.59 -11.08
CA PRO A 347 3.14 -17.67 -11.13
C PRO A 347 2.58 -18.97 -10.56
N GLY A 348 3.43 -19.99 -10.56
CA GLY A 348 3.15 -21.23 -9.84
C GLY A 348 2.95 -20.95 -8.36
N ARG A 349 2.35 -21.86 -7.62
CA ARG A 349 2.02 -21.59 -6.22
C ARG A 349 3.24 -21.27 -5.39
N HIS A 350 4.36 -21.94 -5.67
CA HIS A 350 5.55 -21.77 -4.84
C HIS A 350 6.16 -20.38 -4.98
N ASP A 351 5.73 -19.56 -5.94
CA ASP A 351 6.28 -18.22 -6.09
C ASP A 351 5.23 -17.12 -5.99
N LEU A 352 4.06 -17.46 -5.47
CA LEU A 352 2.99 -16.48 -5.27
C LEU A 352 3.37 -15.32 -4.36
N LYS A 353 4.27 -15.56 -3.42
CA LYS A 353 4.66 -14.53 -2.47
C LYS A 353 5.27 -13.29 -3.13
N LEU A 354 5.71 -13.38 -4.39
CA LEU A 354 6.28 -12.21 -5.05
C LEU A 354 5.47 -11.77 -6.27
N TRP A 355 4.25 -12.26 -6.42
CA TRP A 355 3.40 -11.86 -7.55
C TRP A 355 3.11 -10.37 -7.53
N GLY A 356 3.19 -9.77 -8.71
CA GLY A 356 2.72 -8.43 -8.97
C GLY A 356 3.69 -7.62 -9.81
N ALA A 357 3.15 -6.75 -10.67
CA ALA A 357 4.01 -5.93 -11.52
C ALA A 357 3.82 -4.45 -11.24
N GLY A 358 4.83 -3.65 -11.57
CA GLY A 358 4.77 -2.22 -11.36
C GLY A 358 5.84 -1.48 -12.15
N HIS A 359 5.79 -0.16 -12.07
CA HIS A 359 6.52 0.70 -12.99
C HIS A 359 8.01 0.47 -13.01
N MET A 360 8.64 0.29 -11.85
CA MET A 360 10.09 0.21 -11.82
C MET A 360 10.64 -1.01 -12.55
N SER A 361 9.83 -2.04 -12.84
CA SER A 361 10.37 -3.16 -13.59
C SER A 361 10.33 -2.97 -15.09
N SER A 362 9.79 -1.85 -15.57
CA SER A 362 9.51 -1.71 -17.00
C SER A 362 10.29 -0.51 -17.54
N VAL A 363 11.27 -0.73 -18.40
CA VAL A 363 12.05 0.39 -18.95
C VAL A 363 11.19 1.55 -19.41
N PRO A 364 10.15 1.34 -20.21
CA PRO A 364 9.40 2.50 -20.71
C PRO A 364 8.77 3.38 -19.64
N VAL A 365 8.50 2.88 -18.43
CA VAL A 365 7.78 3.72 -17.46
C VAL A 365 8.48 3.77 -16.11
N ALA A 366 9.65 3.15 -15.95
CA ALA A 366 10.25 3.12 -14.61
C ALA A 366 10.55 4.50 -14.07
N ALA A 367 10.90 5.49 -14.90
CA ALA A 367 11.37 6.78 -14.38
C ALA A 367 10.20 7.56 -13.77
N TYR A 368 8.96 7.15 -14.00
CA TYR A 368 7.82 7.83 -13.35
C TYR A 368 7.84 7.59 -11.86
N ASP A 369 8.36 6.46 -11.37
CA ASP A 369 8.35 6.22 -9.93
C ASP A 369 9.46 7.03 -9.28
N PRO A 370 9.16 7.89 -8.33
CA PRO A 370 10.24 8.72 -7.75
C PRO A 370 11.42 7.95 -7.21
N ILE A 371 11.28 6.67 -6.85
CA ILE A 371 12.50 5.98 -6.37
C ILE A 371 13.50 5.76 -7.50
N PHE A 372 13.06 5.84 -8.76
CA PHE A 372 13.97 5.67 -9.90
C PHE A 372 15.23 6.49 -9.69
N TRP A 373 15.06 7.75 -9.31
CA TRP A 373 16.14 8.72 -9.28
C TRP A 373 17.08 8.43 -8.12
N LEU A 374 16.51 7.90 -7.05
CA LEU A 374 17.31 7.53 -5.85
C LEU A 374 18.14 6.29 -6.12
N HIS A 375 17.56 5.34 -6.84
CA HIS A 375 18.27 4.15 -7.34
C HIS A 375 19.43 4.58 -8.21
N HIS A 376 19.12 5.43 -9.19
CA HIS A 376 20.17 5.87 -10.11
C HIS A 376 21.19 6.76 -9.45
N CYS A 377 20.81 7.47 -8.39
CA CYS A 377 21.84 8.17 -7.62
C CYS A 377 22.82 7.16 -7.03
N ASN A 378 22.35 6.03 -6.50
CA ASN A 378 23.33 5.06 -5.99
C ASN A 378 24.08 4.38 -7.12
N ILE A 379 23.45 4.13 -8.28
CA ILE A 379 24.23 3.59 -9.40
C ILE A 379 25.35 4.54 -9.78
N ASP A 380 25.10 5.83 -9.72
CA ASP A 380 26.14 6.82 -9.99
C ASP A 380 27.25 6.77 -8.95
N ARG A 381 26.87 6.62 -7.68
CA ARG A 381 27.82 6.48 -6.58
C ARG A 381 28.65 5.21 -6.74
N LEU A 382 28.01 4.09 -7.08
CA LEU A 382 28.78 2.87 -7.34
C LEU A 382 29.80 3.05 -8.46
N THR A 383 29.37 3.78 -9.50
CA THR A 383 30.29 4.08 -10.60
C THR A 383 31.48 4.90 -10.10
N ALA A 384 31.21 5.93 -9.32
CA ALA A 384 32.27 6.78 -8.77
C ALA A 384 33.20 5.98 -7.87
N ILE A 385 32.68 5.08 -7.04
CA ILE A 385 33.53 4.25 -6.18
C ILE A 385 34.43 3.41 -7.08
N TRP A 386 33.82 2.76 -8.05
CA TRP A 386 34.60 1.87 -8.93
C TRP A 386 35.69 2.62 -9.67
N GLN A 387 35.33 3.81 -10.18
CA GLN A 387 36.32 4.62 -10.86
C GLN A 387 37.50 4.93 -9.94
N THR A 388 37.18 5.26 -8.69
CA THR A 388 38.20 5.63 -7.71
C THR A 388 39.22 4.53 -7.52
N VAL A 389 38.77 3.27 -7.52
CA VAL A 389 39.70 2.17 -7.24
C VAL A 389 40.11 1.43 -8.52
N ASN A 390 39.71 1.96 -9.68
CA ASN A 390 40.17 1.50 -10.98
C ASN A 390 40.55 2.67 -11.87
N SER A 391 41.45 3.52 -11.38
CA SER A 391 41.87 4.68 -12.16
C SER A 391 42.38 4.25 -13.52
N GLY A 392 42.00 4.97 -14.57
CA GLY A 392 42.47 4.64 -15.91
C GLY A 392 41.54 3.72 -16.68
N SER A 393 40.63 2.99 -16.03
CA SER A 393 39.70 2.13 -16.76
C SER A 393 38.46 2.93 -17.16
N TRP A 394 38.48 3.38 -18.41
CA TRP A 394 37.49 4.34 -18.89
C TRP A 394 37.41 4.28 -20.42
N PHE A 395 36.45 3.53 -20.95
CA PHE A 395 36.16 3.51 -22.39
C PHE A 395 37.40 3.22 -23.22
N ASN A 396 38.31 2.38 -22.68
CA ASN A 396 39.58 2.20 -23.38
C ASN A 396 39.91 0.73 -23.61
N ASP A 397 39.02 -0.17 -23.27
CA ASP A 397 39.15 -1.55 -23.75
C ASP A 397 38.66 -1.66 -25.19
N ASP A 398 38.98 -2.80 -25.81
CA ASP A 398 38.68 -2.98 -27.23
C ASP A 398 37.20 -2.87 -27.55
N LYS A 399 36.33 -3.18 -26.59
CA LYS A 399 34.90 -3.20 -26.85
C LYS A 399 34.27 -1.83 -26.60
N SER A 400 34.61 -1.22 -25.46
CA SER A 400 33.91 0.02 -25.12
C SER A 400 34.48 1.25 -25.80
N LYS A 401 35.68 1.19 -26.38
CA LYS A 401 36.29 2.39 -26.97
C LYS A 401 35.42 3.00 -28.07
N VAL A 402 34.66 2.20 -28.82
CA VAL A 402 33.84 2.76 -29.91
C VAL A 402 32.78 3.72 -29.43
N SER A 403 32.22 3.52 -28.24
CA SER A 403 31.15 4.32 -27.69
C SER A 403 31.62 5.56 -26.95
N LYS A 404 32.93 5.74 -26.72
CA LYS A 404 33.41 6.83 -25.88
C LYS A 404 32.86 8.18 -26.32
N ASP A 405 32.81 8.44 -27.62
CA ASP A 405 32.47 9.80 -28.04
C ASP A 405 31.01 9.96 -28.45
N ASP A 406 30.16 9.01 -28.07
CA ASP A 406 28.73 9.12 -28.36
C ASP A 406 28.16 10.39 -27.72
N ASP A 407 27.35 11.13 -28.49
CA ASP A 407 26.52 12.17 -27.89
C ASP A 407 25.50 11.58 -26.92
N LEU A 408 25.48 12.13 -25.70
CA LEU A 408 24.50 11.69 -24.71
C LEU A 408 23.22 12.50 -24.85
N ARG A 409 22.52 12.29 -25.95
CA ARG A 409 21.25 12.99 -26.21
C ARG A 409 20.24 12.61 -25.15
N PRO A 410 19.39 13.54 -24.74
CA PRO A 410 19.18 14.87 -25.30
C PRO A 410 19.83 16.01 -24.50
N PHE A 411 20.89 15.72 -23.76
CA PHE A 411 21.44 16.62 -22.74
C PHE A 411 22.42 17.62 -23.34
N HIS A 412 22.06 18.90 -23.23
CA HIS A 412 22.85 19.99 -23.76
C HIS A 412 23.71 20.65 -22.68
N ARG A 413 24.88 21.14 -23.10
CA ARG A 413 25.74 21.91 -22.22
C ARG A 413 26.45 23.01 -23.02
N PHE A 414 26.92 23.99 -22.27
CA PHE A 414 27.70 25.08 -22.83
C PHE A 414 29.17 24.69 -22.70
N CYS A 415 29.84 24.58 -23.85
CA CYS A 415 31.25 24.21 -23.87
C CYS A 415 32.10 25.46 -23.71
N GLU A 416 32.89 25.51 -22.65
CA GLU A 416 33.60 26.74 -22.35
C GLU A 416 34.64 27.05 -23.41
N LYS A 417 35.40 26.01 -23.80
CA LYS A 417 36.45 26.24 -24.80
C LYS A 417 35.89 27.04 -25.98
N THR A 418 34.99 26.40 -26.70
CA THR A 418 34.49 26.89 -27.98
C THR A 418 33.35 27.89 -27.85
N ARG A 419 32.78 28.02 -26.65
CA ARG A 419 31.62 28.89 -26.46
C ARG A 419 30.47 28.42 -27.35
N LYS A 420 30.25 27.12 -27.42
CA LYS A 420 29.14 26.52 -28.15
C LYS A 420 28.21 25.69 -27.27
N VAL A 421 26.98 25.53 -27.74
CA VAL A 421 26.05 24.53 -27.22
C VAL A 421 26.33 23.19 -27.90
N VAL A 422 26.53 22.16 -27.10
CA VAL A 422 26.85 20.83 -27.60
C VAL A 422 26.11 19.80 -26.77
N PHE A 423 26.02 18.56 -27.25
CA PHE A 423 25.58 17.50 -26.35
C PHE A 423 26.69 17.12 -25.39
N PHE A 424 26.32 16.66 -24.19
CA PHE A 424 27.25 16.00 -23.29
C PHE A 424 27.88 14.80 -23.99
N ARG A 425 29.13 14.55 -23.63
CA ARG A 425 29.80 13.29 -23.94
C ARG A 425 30.36 12.70 -22.65
N SER A 426 30.64 11.41 -22.69
CA SER A 426 31.07 10.69 -21.49
C SER A 426 32.27 11.34 -20.83
N ASP A 427 33.26 11.77 -21.62
CA ASP A 427 34.47 12.33 -20.98
C ASP A 427 34.13 13.59 -20.19
N ASP A 428 33.05 14.27 -20.54
CA ASP A 428 32.68 15.48 -19.79
C ASP A 428 32.32 15.19 -18.34
N VAL A 429 31.92 13.95 -18.06
CA VAL A 429 31.44 13.63 -16.72
C VAL A 429 32.29 12.54 -16.07
N LYS A 430 33.51 12.35 -16.63
CA LYS A 430 34.41 11.36 -16.01
C LYS A 430 34.67 11.73 -14.56
N ASP A 431 34.93 13.02 -14.33
CA ASP A 431 35.05 13.55 -12.98
C ASP A 431 33.70 14.12 -12.57
N TRP A 432 32.96 13.36 -11.76
CA TRP A 432 31.62 13.77 -11.36
C TRP A 432 31.68 15.07 -10.56
N ARG A 433 32.83 15.36 -9.96
CA ARG A 433 33.01 16.62 -9.23
C ARG A 433 32.89 17.83 -10.14
N SER A 434 33.08 17.66 -11.45
CA SER A 434 32.88 18.79 -12.37
C SER A 434 31.42 19.23 -12.39
N LEU A 435 30.53 18.41 -11.88
CA LEU A 435 29.09 18.66 -11.81
C LEU A 435 28.71 19.19 -10.44
N ASN A 436 29.72 19.44 -9.61
CA ASN A 436 29.62 20.08 -8.31
C ASN A 436 28.81 19.26 -7.31
N TYR A 437 29.02 17.96 -7.30
CA TYR A 437 28.58 17.12 -6.19
C TYR A 437 29.68 16.10 -5.89
N ASP A 438 29.59 15.47 -4.73
CA ASP A 438 30.51 14.38 -4.41
C ASP A 438 29.76 13.38 -3.51
N TYR A 439 30.44 12.32 -3.14
CA TYR A 439 29.97 11.31 -2.21
C TYR A 439 30.93 11.23 -1.03
N ALA A 440 30.42 11.07 0.19
CA ALA A 440 31.35 10.93 1.32
C ALA A 440 32.40 9.85 1.08
N ILE A 441 32.00 8.72 0.49
CA ILE A 441 32.89 7.57 0.35
C ILE A 441 34.06 7.81 -0.60
N THR A 442 33.91 8.73 -1.54
CA THR A 442 34.98 9.08 -2.46
C THR A 442 35.76 10.32 -2.05
N LYS A 443 35.55 10.86 -0.84
CA LYS A 443 36.32 12.01 -0.41
C LYS A 443 37.79 11.65 -0.12
N ASP A 444 38.09 10.54 0.52
CA ASP A 444 39.45 10.17 0.96
C ASP A 444 39.85 8.81 0.40
N ALA A 445 40.75 8.79 -0.58
CA ALA A 445 41.04 7.51 -1.22
C ALA A 445 41.82 6.59 -0.29
N SER A 446 42.34 7.12 0.82
CA SER A 446 42.97 6.24 1.80
C SER A 446 41.96 5.41 2.58
N ARG A 447 40.71 5.83 2.57
CA ARG A 447 39.69 5.21 3.42
C ARG A 447 38.73 4.33 2.62
N ILE A 448 38.70 4.49 1.30
CA ILE A 448 37.58 3.94 0.55
C ILE A 448 37.54 2.43 0.60
N ARG A 449 38.68 1.75 0.55
CA ARG A 449 38.64 0.28 0.57
C ARG A 449 38.12 -0.24 1.90
N LYS A 450 38.52 0.38 3.01
CA LYS A 450 37.97 0.04 4.31
C LYS A 450 36.47 0.29 4.39
N GLU A 451 36.01 1.42 3.84
CA GLU A 451 34.59 1.75 3.90
C GLU A 451 33.73 0.77 3.10
N ILE A 452 34.21 0.36 1.93
CA ILE A 452 33.54 -0.66 1.13
C ILE A 452 33.40 -1.94 1.94
N SER A 453 34.45 -2.36 2.66
CA SER A 453 34.32 -3.58 3.46
C SER A 453 33.37 -3.35 4.63
N ASP A 454 33.46 -2.19 5.27
CA ASP A 454 32.58 -1.90 6.39
C ASP A 454 31.09 -1.92 6.02
N LEU A 455 30.77 -1.40 4.83
CA LEU A 455 29.37 -1.33 4.43
C LEU A 455 28.85 -2.62 3.83
N TYR A 456 29.67 -3.30 3.03
CA TYR A 456 29.13 -4.31 2.10
C TYR A 456 29.87 -5.63 2.27
N GLY A 457 30.89 -5.72 3.12
CA GLY A 457 31.54 -7.02 3.25
C GLY A 457 31.00 -7.79 4.46
N GLY B 3 -30.05 13.53 24.73
CA GLY B 3 -31.04 14.07 25.65
C GLY B 3 -31.77 13.03 26.45
N GLY B 4 -31.03 12.04 26.96
CA GLY B 4 -31.69 10.99 27.75
C GLY B 4 -32.38 10.01 26.80
N SER B 5 -32.03 10.16 25.52
CA SER B 5 -32.65 9.33 24.49
C SER B 5 -31.71 8.23 24.02
N PRO B 6 -32.02 7.00 24.38
CA PRO B 6 -31.25 5.85 23.86
C PRO B 6 -31.45 5.79 22.36
N TYR B 7 -30.46 5.30 21.64
CA TYR B 7 -30.56 5.14 20.19
C TYR B 7 -31.11 3.75 19.92
N LEU B 8 -32.35 3.67 19.45
CA LEU B 8 -32.97 2.36 19.24
C LEU B 8 -32.52 1.72 17.93
N ILE B 9 -32.09 0.47 18.05
CA ILE B 9 -31.58 -0.28 16.91
C ILE B 9 -32.70 -1.20 16.41
N THR B 10 -33.04 -0.99 15.16
CA THR B 10 -34.23 -1.58 14.58
C THR B 10 -33.92 -2.28 13.26
N GLY B 11 -32.79 -1.92 12.66
CA GLY B 11 -32.61 -2.24 11.25
C GLY B 11 -33.28 -1.17 10.40
N ILE B 12 -33.07 -1.25 9.09
CA ILE B 12 -33.67 -0.21 8.24
C ILE B 12 -35.18 -0.36 8.23
N PRO B 13 -35.91 0.74 8.31
CA PRO B 13 -37.37 0.62 8.46
C PRO B 13 -38.02 -0.14 7.30
N LYS B 14 -39.11 -0.84 7.56
CA LYS B 14 -39.87 -1.56 6.56
C LYS B 14 -40.67 -0.64 5.63
N ASP B 15 -40.48 -0.79 4.33
CA ASP B 15 -41.35 -0.18 3.32
C ASP B 15 -41.99 -1.32 2.53
N PRO B 16 -43.31 -1.41 2.48
CA PRO B 16 -43.95 -2.59 1.86
C PRO B 16 -43.57 -2.78 0.41
N LYS B 17 -43.03 -1.75 -0.24
CA LYS B 17 -42.70 -1.94 -1.64
C LYS B 17 -41.23 -2.37 -1.79
N HIS B 18 -40.58 -2.59 -0.66
CA HIS B 18 -39.23 -3.11 -0.50
C HIS B 18 -39.15 -4.26 0.50
N PRO B 19 -39.75 -5.40 0.17
CA PRO B 19 -39.77 -6.55 1.09
C PRO B 19 -38.37 -7.14 1.30
N LEU B 20 -37.93 -7.29 2.53
CA LEU B 20 -36.66 -7.86 2.96
C LEU B 20 -35.53 -7.76 1.94
N PRO B 21 -35.01 -6.56 1.72
CA PRO B 21 -33.87 -6.38 0.79
C PRO B 21 -32.66 -7.18 1.23
N ILE B 22 -31.86 -7.56 0.24
CA ILE B 22 -30.74 -8.44 0.54
C ILE B 22 -29.40 -7.71 0.68
N ARG B 23 -28.61 -8.22 1.62
CA ARG B 23 -27.18 -7.89 1.72
C ARG B 23 -26.43 -8.67 0.65
N LYS B 24 -25.81 -7.97 -0.27
CA LYS B 24 -25.18 -8.59 -1.43
C LYS B 24 -23.70 -8.83 -1.21
N ASP B 25 -23.13 -9.75 -1.98
CA ASP B 25 -21.68 -9.90 -2.03
C ASP B 25 -21.06 -8.62 -2.54
N ILE B 26 -20.13 -8.06 -1.77
CA ILE B 26 -19.59 -6.74 -2.08
C ILE B 26 -18.89 -6.68 -3.44
N ASP B 27 -18.27 -7.75 -3.91
CA ASP B 27 -17.65 -7.72 -5.25
C ASP B 27 -18.74 -7.69 -6.32
N ASP B 28 -19.78 -8.53 -6.19
CA ASP B 28 -20.86 -8.51 -7.17
C ASP B 28 -21.53 -7.14 -7.18
N TRP B 29 -21.76 -6.63 -5.98
CA TRP B 29 -22.42 -5.34 -5.84
C TRP B 29 -21.58 -4.24 -6.49
N TYR B 30 -20.28 -4.25 -6.21
CA TYR B 30 -19.42 -3.21 -6.77
C TYR B 30 -19.38 -3.30 -8.28
N LEU B 31 -19.28 -4.52 -8.80
CA LEU B 31 -19.22 -4.72 -10.25
C LEU B 31 -20.51 -4.29 -10.93
N GLU B 32 -21.65 -4.60 -10.33
CA GLU B 32 -22.93 -4.11 -10.85
C GLU B 32 -22.99 -2.57 -10.82
N GLN B 33 -22.60 -1.95 -9.71
CA GLN B 33 -22.72 -0.52 -9.54
C GLN B 33 -21.90 0.26 -10.55
N THR B 34 -20.79 -0.35 -10.96
CA THR B 34 -19.85 0.31 -11.86
C THR B 34 -20.06 -0.14 -13.30
N SER B 35 -21.10 -0.90 -13.59
CA SER B 35 -21.35 -1.35 -14.96
C SER B 35 -22.30 -0.37 -15.67
N ALA B 36 -22.34 -0.43 -16.99
CA ALA B 36 -23.10 0.56 -17.76
C ALA B 36 -24.60 0.43 -17.49
N GLY B 37 -25.04 -0.76 -17.09
CA GLY B 37 -26.46 -1.01 -16.89
C GLY B 37 -26.94 -0.55 -15.53
N SER B 38 -26.07 0.07 -14.75
CA SER B 38 -26.47 0.54 -13.43
C SER B 38 -26.47 2.06 -13.34
N ASN B 39 -27.25 2.56 -12.40
CA ASN B 39 -27.32 3.99 -12.15
C ASN B 39 -26.25 4.47 -11.17
N ARG B 40 -25.50 3.57 -10.54
CA ARG B 40 -24.37 3.88 -9.66
C ARG B 40 -24.82 4.63 -8.40
N ILE B 41 -26.12 4.69 -8.13
CA ILE B 41 -26.60 5.49 -7.01
C ILE B 41 -26.27 4.85 -5.67
N GLN B 42 -26.39 3.52 -5.55
CA GLN B 42 -26.07 2.93 -4.26
C GLN B 42 -24.60 3.09 -3.91
N LEU B 43 -23.70 2.93 -4.89
CA LEU B 43 -22.29 3.10 -4.56
C LEU B 43 -22.00 4.52 -4.09
N THR B 44 -22.59 5.50 -4.78
CA THR B 44 -22.49 6.90 -4.39
C THR B 44 -23.01 7.14 -3.00
N LEU B 45 -24.18 6.60 -2.71
CA LEU B 45 -24.76 6.80 -1.37
C LEU B 45 -23.88 6.18 -0.28
N PHE B 46 -23.39 4.96 -0.50
CA PHE B 46 -22.55 4.31 0.53
C PHE B 46 -21.29 5.13 0.79
N VAL B 47 -20.63 5.52 -0.29
CA VAL B 47 -19.38 6.28 -0.15
C VAL B 47 -19.65 7.61 0.53
N GLU B 48 -20.66 8.33 0.08
CA GLU B 48 -20.93 9.68 0.64
C GLU B 48 -21.38 9.60 2.08
N ALA B 49 -22.25 8.63 2.41
CA ALA B 49 -22.71 8.47 3.79
C ALA B 49 -21.58 8.03 4.69
N LEU B 50 -20.76 7.04 4.29
CA LEU B 50 -19.70 6.61 5.19
C LEU B 50 -18.63 7.67 5.37
N THR B 51 -18.40 8.49 4.37
CA THR B 51 -17.48 9.62 4.54
C THR B 51 -18.01 10.59 5.60
N VAL B 52 -19.29 10.94 5.53
CA VAL B 52 -19.87 11.83 6.52
C VAL B 52 -19.71 11.21 7.90
N ILE B 53 -20.04 9.93 8.05
CA ILE B 53 -20.00 9.29 9.36
C ILE B 53 -18.58 9.27 9.92
N GLN B 54 -17.62 9.05 9.04
CA GLN B 54 -16.21 9.06 9.45
C GLN B 54 -15.74 10.44 9.87
N ASN B 55 -16.35 11.49 9.33
CA ASN B 55 -15.93 12.86 9.64
C ASN B 55 -16.68 13.47 10.80
N ARG B 56 -17.65 12.77 11.37
CA ARG B 56 -18.34 13.26 12.58
C ARG B 56 -17.38 13.35 13.76
N PRO B 57 -17.61 14.28 14.67
CA PRO B 57 -16.67 14.45 15.80
C PRO B 57 -16.82 13.38 16.87
N LEU B 58 -15.84 13.36 17.78
CA LEU B 58 -15.80 12.32 18.80
C LEU B 58 -16.96 12.41 19.75
N ASN B 59 -17.52 13.61 19.93
CA ASN B 59 -18.64 13.70 20.87
C ASN B 59 -19.95 13.29 20.21
N ASP B 60 -19.90 12.93 18.93
CA ASP B 60 -21.04 12.33 18.25
C ASP B 60 -20.99 10.80 18.34
N GLN B 61 -21.94 10.20 19.06
CA GLN B 61 -21.82 8.76 19.31
C GLN B 61 -22.13 7.95 18.05
N LEU B 62 -22.60 8.59 17.00
CA LEU B 62 -22.81 7.95 15.70
C LEU B 62 -21.70 8.32 14.72
N SER B 63 -20.57 8.84 15.22
CA SER B 63 -19.40 8.97 14.38
C SER B 63 -18.76 7.60 14.15
N TYR B 64 -18.02 7.42 13.06
CA TYR B 64 -17.35 6.14 12.85
C TYR B 64 -16.46 5.75 14.03
N PHE B 65 -15.66 6.69 14.53
CA PHE B 65 -14.72 6.38 15.60
C PHE B 65 -15.50 5.81 16.80
N ARG B 66 -16.60 6.48 17.17
CA ARG B 66 -17.36 6.04 18.34
C ARG B 66 -18.10 4.72 18.11
N LEU B 67 -18.57 4.48 16.88
CA LEU B 67 -19.19 3.19 16.57
C LEU B 67 -18.16 2.07 16.61
N ALA B 68 -16.98 2.29 16.02
CA ALA B 68 -15.91 1.31 16.13
C ALA B 68 -15.47 1.15 17.59
N GLY B 69 -15.51 2.24 18.36
CA GLY B 69 -15.17 2.21 19.78
C GLY B 69 -16.07 1.35 20.63
N ILE B 70 -17.29 1.03 20.21
CA ILE B 70 -18.12 0.07 20.96
C ILE B 70 -17.43 -1.26 21.15
N HIS B 71 -16.71 -1.69 20.12
CA HIS B 71 -16.14 -3.03 20.15
C HIS B 71 -15.04 -3.20 21.20
N GLY B 72 -14.12 -2.26 21.29
CA GLY B 72 -12.90 -2.40 22.07
C GLY B 72 -12.38 -1.08 22.61
N ALA B 73 -11.11 -0.80 22.34
CA ALA B 73 -10.49 0.46 22.77
C ALA B 73 -11.14 1.63 22.03
N PRO B 74 -11.21 2.82 22.61
CA PRO B 74 -10.66 3.16 23.91
C PRO B 74 -11.51 2.85 25.13
N TRP B 75 -12.45 1.93 25.05
CA TRP B 75 -13.21 1.39 26.18
C TRP B 75 -14.03 2.46 26.91
N THR B 76 -14.73 3.29 26.14
CA THR B 76 -15.54 4.33 26.74
C THR B 76 -17.03 3.97 26.76
N GLU B 77 -17.82 4.83 27.39
CA GLU B 77 -19.26 4.65 27.33
C GLU B 77 -19.79 4.75 25.91
N TRP B 78 -20.95 4.18 25.66
CA TRP B 78 -21.71 4.42 24.44
C TRP B 78 -23.20 4.36 24.76
N ASP B 79 -23.98 5.30 24.23
CA ASP B 79 -25.41 5.38 24.44
C ASP B 79 -25.81 5.36 25.90
N GLY B 80 -25.00 5.96 26.78
CA GLY B 80 -25.34 6.04 28.19
C GLY B 80 -24.90 4.84 28.99
N VAL B 81 -24.34 3.84 28.30
CA VAL B 81 -23.95 2.60 28.98
C VAL B 81 -22.46 2.68 29.32
N PRO B 82 -22.07 2.53 30.58
CA PRO B 82 -20.69 2.79 30.97
C PRO B 82 -19.68 1.85 30.33
N GLY B 83 -18.51 2.41 30.08
CA GLY B 83 -17.37 1.67 29.60
C GLY B 83 -16.48 1.33 30.80
N GLY B 84 -15.18 1.19 30.56
CA GLY B 84 -14.21 0.98 31.60
C GLY B 84 -14.33 -0.39 32.25
N GLN B 85 -14.88 -1.34 31.50
CA GLN B 85 -15.01 -2.72 31.94
C GLN B 85 -13.65 -3.39 31.97
N LYS B 86 -13.51 -4.39 32.83
CA LYS B 86 -12.23 -5.10 32.89
C LYS B 86 -12.49 -6.59 32.74
N ASP B 87 -11.48 -7.29 32.23
CA ASP B 87 -11.59 -8.72 31.94
C ASP B 87 -11.28 -9.53 33.20
N SER B 88 -11.16 -10.83 33.04
CA SER B 88 -10.75 -11.74 34.11
C SER B 88 -9.30 -11.50 34.51
N LYS B 89 -8.43 -11.33 33.52
CA LYS B 89 -7.02 -11.06 33.79
C LYS B 89 -6.80 -9.68 34.39
N GLY B 90 -7.83 -8.84 34.43
CA GLY B 90 -7.77 -7.51 35.00
C GLY B 90 -7.57 -6.43 33.98
N ASN B 91 -7.67 -6.78 32.71
CA ASN B 91 -7.37 -5.82 31.64
C ASN B 91 -8.63 -5.25 31.00
N PRO B 92 -8.44 -4.06 30.45
CA PRO B 92 -9.51 -3.34 29.76
C PRO B 92 -10.14 -4.23 28.68
N THR B 93 -11.47 -4.22 28.66
CA THR B 93 -12.20 -4.95 27.64
C THR B 93 -13.42 -4.13 27.22
N GLY B 94 -13.93 -4.41 26.02
CA GLY B 94 -15.00 -3.61 25.47
C GLY B 94 -16.34 -4.32 25.58
N PHE B 95 -17.32 -3.82 24.85
CA PHE B 95 -18.66 -4.43 24.89
C PHE B 95 -18.74 -5.71 24.08
N ALA B 96 -17.82 -5.85 23.11
CA ALA B 96 -17.89 -7.01 22.22
C ALA B 96 -17.80 -8.32 23.00
N VAL B 97 -18.60 -9.28 22.52
CA VAL B 97 -18.56 -10.61 23.10
C VAL B 97 -17.63 -11.50 22.27
N HIS B 98 -16.60 -12.01 22.93
CA HIS B 98 -15.76 -13.03 22.34
C HIS B 98 -15.61 -14.19 23.30
N ASN B 99 -15.33 -15.35 22.73
CA ASN B 99 -15.23 -16.57 23.52
C ASN B 99 -16.47 -16.81 24.38
N ASN B 100 -17.65 -16.56 23.81
CA ASN B 100 -18.91 -16.95 24.45
C ASN B 100 -19.92 -17.23 23.33
N TYR B 101 -20.98 -17.95 23.70
CA TYR B 101 -21.94 -18.44 22.73
C TYR B 101 -22.83 -17.34 22.14
N THR B 102 -22.79 -16.16 22.75
CA THR B 102 -23.42 -14.96 22.24
C THR B 102 -22.52 -14.20 21.28
N PHE B 103 -21.35 -14.76 20.96
CA PHE B 103 -20.53 -14.11 19.93
C PHE B 103 -21.34 -13.82 18.68
N PRO B 104 -22.03 -14.78 18.07
CA PRO B 104 -22.75 -14.43 16.82
C PRO B 104 -23.86 -13.42 16.98
N THR B 105 -24.60 -13.47 18.09
CA THR B 105 -25.77 -12.60 18.21
C THR B 105 -25.39 -11.19 18.64
N TRP B 106 -24.35 -11.04 19.47
CA TRP B 106 -23.88 -9.68 19.77
C TRP B 106 -23.47 -8.98 18.47
N HIS B 107 -22.73 -9.74 17.65
CA HIS B 107 -22.24 -9.18 16.38
C HIS B 107 -23.35 -8.98 15.37
N ARG B 108 -24.39 -9.80 15.36
CA ARG B 108 -25.54 -9.54 14.50
C ARG B 108 -26.13 -8.18 14.78
N VAL B 109 -26.29 -7.86 16.08
CA VAL B 109 -26.83 -6.53 16.41
C VAL B 109 -25.85 -5.42 16.03
N TYR B 110 -24.56 -5.61 16.28
CA TYR B 110 -23.55 -4.58 15.97
C TYR B 110 -23.54 -4.24 14.50
N VAL B 111 -23.56 -5.26 13.64
CA VAL B 111 -23.56 -5.01 12.19
C VAL B 111 -24.82 -4.28 11.75
N THR B 112 -25.97 -4.59 12.39
CA THR B 112 -27.21 -3.92 12.08
C THR B 112 -27.16 -2.44 12.47
N LEU B 113 -26.56 -2.15 13.62
CA LEU B 113 -26.36 -0.76 14.05
C LEU B 113 -25.62 0.00 12.96
N TYR B 114 -24.51 -0.56 12.47
CA TYR B 114 -23.70 0.12 11.46
C TYR B 114 -24.51 0.38 10.21
N GLU B 115 -25.17 -0.67 9.71
CA GLU B 115 -26.01 -0.55 8.51
C GLU B 115 -27.07 0.52 8.70
N GLN B 116 -27.69 0.60 9.88
CA GLN B 116 -28.76 1.55 10.15
C GLN B 116 -28.24 2.98 10.16
N VAL B 117 -27.11 3.20 10.83
CA VAL B 117 -26.49 4.54 10.86
C VAL B 117 -26.15 4.97 9.44
N ILE B 118 -25.59 4.08 8.63
CA ILE B 118 -25.30 4.41 7.24
C ILE B 118 -26.57 4.78 6.48
N TYR B 119 -27.62 3.98 6.59
CA TYR B 119 -28.86 4.30 5.87
C TYR B 119 -29.38 5.67 6.27
N GLU B 120 -29.34 5.98 7.58
CA GLU B 120 -29.81 7.28 8.03
C GLU B 120 -28.97 8.42 7.44
N ALA B 121 -27.67 8.19 7.32
CA ALA B 121 -26.80 9.21 6.69
C ALA B 121 -27.07 9.32 5.19
N MET B 122 -27.43 8.21 4.53
CA MET B 122 -27.87 8.28 3.13
C MET B 122 -29.09 9.20 2.98
N LEU B 123 -30.06 9.07 3.88
CA LEU B 123 -31.26 9.89 3.76
C LEU B 123 -30.90 11.36 3.95
N ASP B 124 -29.95 11.65 4.87
CA ASP B 124 -29.52 13.03 5.05
C ASP B 124 -28.84 13.57 3.78
N PHE B 125 -27.99 12.75 3.17
CA PHE B 125 -27.28 13.17 1.96
C PHE B 125 -28.27 13.53 0.86
N ILE B 126 -29.29 12.68 0.72
CA ILE B 126 -30.28 12.90 -0.34
C ILE B 126 -31.05 14.19 -0.14
N LYS B 127 -31.50 14.43 1.09
CA LYS B 127 -32.23 15.66 1.41
C LYS B 127 -31.41 16.90 1.04
N GLN B 128 -30.09 16.83 1.20
CA GLN B 128 -29.26 18.02 1.08
C GLN B 128 -28.59 18.16 -0.27
N ASN B 129 -28.50 17.10 -1.06
CA ASN B 129 -27.64 17.14 -2.25
C ASN B 129 -28.32 16.75 -3.55
N VAL B 130 -29.47 16.09 -3.50
CA VAL B 130 -30.12 15.58 -4.72
C VAL B 130 -31.17 16.53 -5.24
N PRO B 131 -31.26 16.78 -6.53
CA PRO B 131 -32.33 17.65 -7.09
C PRO B 131 -33.70 17.11 -6.65
N GLN B 132 -34.60 18.04 -6.34
CA GLN B 132 -35.90 17.62 -5.83
C GLN B 132 -36.52 16.51 -6.65
N ASN B 133 -36.45 16.57 -7.99
CA ASN B 133 -37.14 15.56 -8.78
C ASN B 133 -36.44 14.22 -8.85
N GLY B 134 -35.21 14.13 -8.37
CA GLY B 134 -34.49 12.87 -8.23
C GLY B 134 -34.58 12.27 -6.84
N LYS B 135 -35.12 13.00 -5.84
CA LYS B 135 -35.03 12.48 -4.48
C LYS B 135 -35.78 11.17 -4.33
N ALA B 136 -36.94 11.03 -4.96
CA ALA B 136 -37.70 9.77 -4.82
C ALA B 136 -36.91 8.58 -5.35
N ASP B 137 -36.25 8.75 -6.49
CA ASP B 137 -35.41 7.68 -7.05
C ASP B 137 -34.24 7.36 -6.13
N TRP B 138 -33.59 8.39 -5.59
CA TRP B 138 -32.42 8.15 -4.73
C TRP B 138 -32.86 7.52 -3.42
N GLU B 139 -33.96 7.99 -2.84
CA GLU B 139 -34.50 7.34 -1.65
C GLU B 139 -34.83 5.88 -1.89
N ASN B 140 -35.43 5.55 -3.04
CA ASN B 140 -35.73 4.15 -3.31
C ASN B 140 -34.47 3.31 -3.42
N GLU B 141 -33.37 3.89 -3.92
CA GLU B 141 -32.11 3.14 -3.94
C GLU B 141 -31.59 2.95 -2.53
N ALA B 142 -31.67 3.99 -1.70
CA ALA B 142 -31.28 3.82 -0.29
C ALA B 142 -32.09 2.71 0.34
N LYS B 143 -33.40 2.65 0.07
CA LYS B 143 -34.25 1.65 0.72
C LYS B 143 -33.96 0.24 0.22
N GLN B 144 -33.36 0.09 -0.96
CA GLN B 144 -32.94 -1.22 -1.46
C GLN B 144 -31.57 -1.64 -0.95
N TRP B 145 -30.75 -0.66 -0.61
CA TRP B 145 -29.39 -0.89 -0.16
C TRP B 145 -29.36 -1.65 1.16
N ARG B 146 -28.49 -2.64 1.27
CA ARG B 146 -28.14 -3.19 2.58
C ARG B 146 -26.63 -3.34 2.65
N LEU B 147 -26.06 -3.50 3.84
CA LEU B 147 -24.61 -3.60 3.99
C LEU B 147 -24.08 -4.81 3.23
N PRO B 148 -23.19 -4.63 2.25
CA PRO B 148 -22.67 -5.80 1.53
C PRO B 148 -21.80 -6.64 2.47
N TYR B 149 -21.65 -7.93 2.13
CA TYR B 149 -20.74 -8.79 2.88
C TYR B 149 -19.50 -9.12 2.07
N TRP B 150 -18.38 -9.33 2.74
CA TRP B 150 -17.19 -9.85 2.09
C TRP B 150 -17.20 -11.38 2.14
N ASP B 151 -17.35 -12.04 0.99
CA ASP B 151 -17.28 -13.51 1.00
C ASP B 151 -15.84 -14.00 0.97
N PHE B 152 -15.24 -14.09 2.15
CA PHE B 152 -13.85 -14.47 2.27
C PHE B 152 -13.62 -15.92 1.85
N ALA B 153 -14.69 -16.71 1.67
CA ALA B 153 -14.48 -18.10 1.27
C ALA B 153 -14.84 -18.40 -0.18
N ARG B 154 -15.23 -17.39 -0.94
CA ARG B 154 -15.58 -17.54 -2.35
C ARG B 154 -14.44 -17.11 -3.27
N PHE B 155 -14.13 -17.92 -4.28
CA PHE B 155 -13.05 -17.54 -5.19
C PHE B 155 -13.48 -16.32 -5.98
N ALA B 156 -12.58 -15.36 -6.13
CA ALA B 156 -12.84 -14.15 -6.90
C ALA B 156 -13.04 -14.46 -8.39
N ARG B 157 -13.72 -13.55 -9.08
CA ARG B 157 -13.86 -13.62 -10.53
C ARG B 157 -12.67 -12.95 -11.22
N ASP B 166 -7.68 -19.92 -9.12
CA ASP B 166 -8.61 -20.05 -7.98
C ASP B 166 -8.05 -19.31 -6.77
N GLU B 167 -8.55 -18.13 -6.45
CA GLU B 167 -7.91 -17.31 -5.41
C GLU B 167 -8.98 -16.63 -4.57
N LEU B 168 -8.81 -16.68 -3.26
CA LEU B 168 -9.56 -15.85 -2.33
C LEU B 168 -8.92 -14.46 -2.32
N ARG B 169 -9.74 -13.44 -2.18
CA ARG B 169 -9.22 -12.08 -2.26
C ARG B 169 -10.00 -11.13 -1.34
N LEU B 170 -9.32 -10.11 -0.83
CA LEU B 170 -10.05 -8.97 -0.25
C LEU B 170 -10.95 -8.36 -1.31
N PRO B 171 -12.03 -7.68 -0.90
CA PRO B 171 -12.91 -7.05 -1.89
C PRO B 171 -12.19 -6.06 -2.79
N ILE B 172 -12.61 -6.06 -4.05
CA ILE B 172 -12.11 -5.08 -5.00
C ILE B 172 -12.09 -3.68 -4.38
N LEU B 173 -13.25 -3.26 -3.91
CA LEU B 173 -13.43 -1.90 -3.41
C LEU B 173 -12.55 -1.59 -2.20
N VAL B 174 -12.28 -2.59 -1.35
CA VAL B 174 -11.39 -2.38 -0.21
C VAL B 174 -9.96 -2.11 -0.63
N THR B 175 -9.57 -2.54 -1.83
CA THR B 175 -8.19 -2.37 -2.28
C THR B 175 -7.97 -1.11 -3.10
N MET B 176 -8.99 -0.26 -3.26
CA MET B 176 -8.90 0.95 -4.07
C MET B 176 -8.74 2.19 -3.20
N PRO B 177 -7.65 2.93 -3.31
CA PRO B 177 -7.51 4.15 -2.49
C PRO B 177 -8.56 5.21 -2.80
N MET B 178 -8.97 5.30 -4.04
CA MET B 178 -9.95 6.30 -4.50
C MET B 178 -11.12 5.59 -5.16
N VAL B 179 -12.28 6.24 -5.19
CA VAL B 179 -13.47 5.67 -5.82
C VAL B 179 -14.27 6.76 -6.53
N LYS B 180 -14.85 6.43 -7.67
CA LYS B 180 -15.60 7.45 -8.41
C LYS B 180 -17.08 7.31 -8.09
N VAL B 181 -17.68 8.45 -7.79
CA VAL B 181 -19.10 8.54 -7.45
C VAL B 181 -19.80 9.51 -8.40
N LEU B 182 -21.13 9.45 -8.43
CA LEU B 182 -21.94 10.41 -9.17
C LEU B 182 -21.94 11.78 -8.50
N VAL B 183 -22.11 12.77 -9.34
CA VAL B 183 -22.55 14.11 -8.99
C VAL B 183 -24.04 14.21 -9.24
N PRO B 184 -24.87 14.22 -8.19
CA PRO B 184 -26.32 14.14 -8.42
C PRO B 184 -26.83 15.21 -9.37
N GLY B 185 -27.55 14.83 -10.41
CA GLY B 185 -28.12 15.81 -11.31
C GLY B 185 -27.24 16.08 -12.53
N GLN B 186 -26.06 15.47 -12.58
CA GLN B 186 -25.10 15.69 -13.66
C GLN B 186 -24.66 14.38 -14.30
N PRO B 187 -25.56 13.85 -15.12
CA PRO B 187 -25.34 12.53 -15.71
C PRO B 187 -23.95 12.47 -16.34
N GLY B 188 -23.31 11.30 -16.29
CA GLY B 188 -22.05 11.15 -16.99
C GLY B 188 -20.88 11.78 -16.26
N LYS B 189 -21.15 12.73 -15.38
CA LYS B 189 -20.12 13.32 -14.54
C LYS B 189 -19.88 12.44 -13.31
N GLN B 190 -18.62 12.12 -13.09
CA GLN B 190 -18.22 11.46 -11.86
C GLN B 190 -17.09 12.20 -11.19
N LEU B 191 -16.96 12.03 -9.88
CA LEU B 191 -15.86 12.61 -9.13
C LEU B 191 -15.11 11.50 -8.38
N SER B 192 -13.79 11.54 -8.45
CA SER B 192 -12.92 10.65 -7.69
C SER B 192 -12.74 11.19 -6.27
N LYS B 193 -13.01 10.36 -5.28
CA LYS B 193 -12.91 10.74 -3.88
C LYS B 193 -12.14 9.68 -3.10
N PRO B 194 -11.55 10.10 -1.99
CA PRO B 194 -10.94 9.10 -1.12
C PRO B 194 -11.98 8.06 -0.73
N ASN B 195 -11.54 6.80 -0.82
CA ASN B 195 -12.45 5.69 -0.56
C ASN B 195 -12.58 5.38 0.94
N PRO B 196 -13.75 5.59 1.55
CA PRO B 196 -13.90 5.39 3.00
C PRO B 196 -13.85 3.93 3.43
N LEU B 197 -13.86 3.00 2.48
CA LEU B 197 -13.71 1.59 2.79
C LEU B 197 -12.26 1.13 2.78
N TYR B 198 -11.34 1.95 2.26
CA TYR B 198 -9.94 1.53 2.11
C TYR B 198 -9.20 1.51 3.45
N ARG B 199 -9.51 2.46 4.33
CA ARG B 199 -8.85 2.61 5.62
C ARG B 199 -9.67 3.62 6.42
N PHE B 200 -9.37 3.74 7.70
CA PHE B 200 -9.90 4.85 8.50
C PHE B 200 -8.73 5.61 9.14
N GLN B 201 -8.74 6.93 9.08
CA GLN B 201 -7.69 7.65 9.80
C GLN B 201 -8.31 8.85 10.52
N MET B 202 -7.57 9.28 11.54
CA MET B 202 -7.89 10.49 12.28
C MET B 202 -7.00 11.62 11.77
N GLN B 203 -7.08 12.82 12.31
CA GLN B 203 -6.27 13.94 11.83
C GLN B 203 -4.94 14.05 12.58
N THR B 204 -4.77 13.19 13.57
CA THR B 204 -3.56 13.14 14.37
C THR B 204 -3.23 11.68 14.68
N LEU B 205 -2.07 11.40 15.26
CA LEU B 205 -1.84 10.02 15.72
C LEU B 205 -2.91 9.66 16.75
N MET B 206 -3.41 8.42 16.66
CA MET B 206 -4.56 8.06 17.49
C MET B 206 -4.23 8.03 18.97
N GLY B 207 -2.96 7.92 19.37
CA GLY B 207 -2.61 8.02 20.76
C GLY B 207 -2.69 9.42 21.34
N THR B 208 -2.96 10.44 20.51
CA THR B 208 -2.98 11.81 21.00
C THR B 208 -4.37 12.41 20.97
N LEU B 209 -5.37 11.56 20.74
CA LEU B 209 -6.74 12.12 20.76
C LEU B 209 -7.12 12.63 22.15
N GLU B 210 -8.09 13.54 22.19
CA GLU B 210 -8.54 14.12 23.46
C GLU B 210 -8.99 13.02 24.41
N ARG B 211 -8.70 13.16 25.70
CA ARG B 211 -9.20 12.19 26.68
C ARG B 211 -10.72 12.19 26.63
N PRO B 212 -11.40 11.08 26.83
CA PRO B 212 -10.87 9.76 27.12
C PRO B 212 -10.68 8.83 25.92
N TYR B 213 -10.47 9.38 24.74
CA TYR B 213 -10.54 8.65 23.47
C TYR B 213 -9.21 8.15 22.93
N ALA B 214 -8.07 8.50 23.54
CA ALA B 214 -6.79 8.12 22.95
C ALA B 214 -6.67 6.61 22.81
N ILE B 215 -6.14 6.15 21.68
CA ILE B 215 -5.87 4.73 21.45
C ILE B 215 -4.47 4.43 21.96
N THR B 216 -4.33 3.49 22.89
CA THR B 216 -3.01 3.12 23.37
C THR B 216 -2.40 1.98 22.59
N SER B 217 -1.09 1.76 22.81
CA SER B 217 -0.47 0.54 22.34
C SER B 217 -1.24 -0.65 22.93
N GLN B 218 -1.13 -1.79 22.27
CA GLN B 218 -1.84 -2.99 22.72
C GLN B 218 -0.88 -4.15 22.82
N LYS B 219 -0.91 -4.90 23.92
CA LYS B 219 -0.01 -6.01 24.13
C LYS B 219 -0.36 -7.19 23.24
N THR B 220 0.72 -7.82 22.77
CA THR B 220 0.53 -9.06 22.01
C THR B 220 1.68 -10.00 22.39
N GLU B 221 1.43 -11.30 22.33
CA GLU B 221 2.52 -12.25 22.50
C GLU B 221 2.92 -12.89 21.18
N GLU B 222 4.21 -12.89 20.91
CA GLU B 222 4.82 -13.49 19.74
C GLU B 222 6.06 -14.28 20.16
N HIS B 223 6.11 -15.54 19.76
CA HIS B 223 7.18 -16.46 20.11
C HIS B 223 7.59 -16.26 21.57
N GLY B 224 6.58 -16.18 22.44
CA GLY B 224 6.76 -16.27 23.87
C GLY B 224 7.24 -15.00 24.53
N TRP B 225 7.20 -13.91 23.77
CA TRP B 225 7.64 -12.60 24.20
C TRP B 225 6.49 -11.60 24.05
N SER B 226 6.43 -10.69 25.02
CA SER B 226 5.43 -9.63 24.96
C SER B 226 5.94 -8.46 24.10
N PHE B 227 5.10 -7.94 23.23
CA PHE B 227 5.37 -6.76 22.42
C PHE B 227 4.26 -5.73 22.58
N ASP B 228 4.62 -4.46 22.43
CA ASP B 228 3.60 -3.43 22.33
C ASP B 228 3.29 -3.15 20.87
N LEU B 229 2.12 -3.55 20.36
CA LEU B 229 1.72 -3.14 19.01
C LEU B 229 1.43 -1.64 19.04
N PRO B 230 2.13 -0.86 18.23
CA PRO B 230 2.14 0.61 18.42
C PRO B 230 0.97 1.34 17.80
N PHE B 231 -0.24 0.90 18.18
CA PHE B 231 -1.44 1.51 17.62
C PHE B 231 -1.61 2.97 18.03
N ASP B 232 -0.96 3.40 19.11
CA ASP B 232 -0.95 4.79 19.53
C ASP B 232 -0.18 5.66 18.52
N LYS B 233 0.69 5.07 17.71
CA LYS B 233 1.55 5.81 16.79
C LYS B 233 1.01 5.78 15.37
N CYS B 234 -0.19 5.23 15.19
CA CYS B 234 -0.85 5.20 13.90
C CYS B 234 -1.82 6.37 13.77
N GLN B 235 -1.75 7.05 12.63
CA GLN B 235 -2.84 7.95 12.27
C GLN B 235 -3.92 7.20 11.49
N SER B 236 -3.46 6.29 10.63
CA SER B 236 -4.37 5.47 9.83
C SER B 236 -4.39 4.02 10.27
N THR B 237 -5.51 3.32 10.11
CA THR B 237 -5.49 1.86 10.16
C THR B 237 -4.55 1.29 9.10
N THR B 238 -3.97 0.13 9.34
CA THR B 238 -3.08 -0.52 8.38
C THR B 238 -3.35 -2.02 8.34
N LYS B 239 -3.09 -2.63 7.19
CA LYS B 239 -3.02 -4.08 7.04
C LYS B 239 -1.54 -4.44 6.84
N TYR B 240 -0.90 -5.14 7.76
CA TYR B 240 0.49 -5.60 7.71
C TYR B 240 1.55 -4.51 7.84
N GLY B 241 1.22 -3.24 7.98
CA GLY B 241 2.18 -2.18 7.91
C GLY B 241 3.05 -1.90 9.12
N LEU B 242 2.79 -2.53 10.24
CA LEU B 242 3.55 -2.33 11.47
C LEU B 242 4.56 -3.45 11.66
N LEU B 243 5.84 -3.12 11.54
CA LEU B 243 6.96 -4.03 11.69
C LEU B 243 7.89 -3.50 12.78
N GLU B 244 8.40 -4.40 13.61
CA GLU B 244 9.38 -3.99 14.61
C GLU B 244 10.66 -3.46 13.96
N ASN B 245 11.27 -2.45 14.56
CA ASN B 245 12.52 -1.86 14.12
C ASN B 245 12.40 -1.08 12.83
N TYR B 246 11.19 -0.59 12.58
CA TYR B 246 10.92 0.39 11.54
C TYR B 246 10.64 1.75 12.19
N ASN B 247 11.10 2.81 11.55
CA ASN B 247 10.89 4.17 12.03
C ASN B 247 9.41 4.43 12.28
N ALA B 248 9.09 5.06 13.41
CA ALA B 248 7.68 5.26 13.75
C ALA B 248 6.94 6.13 12.74
N ASP B 249 7.64 6.89 11.90
CA ASP B 249 6.97 7.68 10.87
C ASP B 249 6.35 6.77 9.80
N VAL B 250 6.88 5.57 9.65
CA VAL B 250 6.23 4.57 8.81
C VAL B 250 4.94 4.10 9.45
N TRP B 251 4.97 3.89 10.76
CA TRP B 251 3.82 3.41 11.51
C TRP B 251 2.63 4.37 11.43
N ALA B 252 2.88 5.66 11.19
CA ALA B 252 1.78 6.62 11.13
C ALA B 252 0.75 6.15 10.11
N ASP B 253 1.23 5.62 8.99
CA ASP B 253 0.35 5.04 7.97
C ASP B 253 1.14 3.94 7.27
N GLY B 254 1.01 2.71 7.75
CA GLY B 254 1.80 1.61 7.25
C GLY B 254 1.26 0.99 5.98
N GLY B 255 0.16 1.50 5.46
CA GLY B 255 -0.36 1.10 4.17
C GLY B 255 -1.42 0.00 4.25
N GLN B 256 -2.12 -0.16 3.12
CA GLN B 256 -3.08 -1.24 2.94
C GLN B 256 -2.40 -2.31 2.09
N ASN B 257 -1.70 -3.21 2.77
CA ASN B 257 -0.84 -4.17 2.05
C ASN B 257 -1.65 -5.40 1.66
N TRP B 258 -2.57 -5.14 0.73
CA TRP B 258 -3.58 -6.12 0.37
C TRP B 258 -3.04 -7.35 -0.32
N LEU B 259 -1.89 -7.27 -0.96
CA LEU B 259 -1.33 -8.46 -1.58
C LEU B 259 -0.92 -9.49 -0.52
N ARG B 260 -0.44 -8.98 0.61
CA ARG B 260 -0.01 -9.85 1.71
C ARG B 260 -1.20 -10.48 2.40
N ALA B 261 -2.27 -9.70 2.56
CA ALA B 261 -3.53 -10.24 3.10
C ALA B 261 -4.05 -11.32 2.18
N ASN B 262 -4.07 -11.08 0.86
CA ASN B 262 -4.54 -12.13 -0.06
C ASN B 262 -3.65 -13.37 0.05
N LEU B 263 -2.33 -13.17 0.16
CA LEU B 263 -1.44 -14.34 0.27
C LEU B 263 -1.81 -15.13 1.52
N ALA B 264 -2.03 -14.45 2.64
CA ALA B 264 -2.39 -15.18 3.86
C ALA B 264 -3.69 -15.94 3.73
N LEU B 265 -4.69 -15.33 3.07
CA LEU B 265 -5.96 -16.02 2.90
C LEU B 265 -5.80 -17.34 2.14
N ASN B 266 -4.92 -17.32 1.14
CA ASN B 266 -4.76 -18.50 0.31
C ASN B 266 -3.73 -19.48 0.87
N GLU B 267 -2.82 -19.05 1.74
CA GLU B 267 -1.89 -19.95 2.41
C GLU B 267 -2.46 -20.52 3.72
N HIS B 268 -3.49 -19.88 4.25
CA HIS B 268 -4.27 -20.31 5.40
C HIS B 268 -3.41 -20.86 6.52
N PRO B 269 -2.51 -20.03 7.06
CA PRO B 269 -1.73 -20.48 8.22
C PRO B 269 -2.56 -20.42 9.50
N TRP B 270 -3.35 -21.47 9.67
CA TRP B 270 -4.19 -21.63 10.88
C TRP B 270 -3.38 -21.48 12.16
N TYR B 271 -3.94 -20.80 13.17
CA TYR B 271 -3.16 -20.67 14.42
C TYR B 271 -3.27 -21.94 15.26
N GLN B 272 -4.31 -22.74 15.03
CA GLN B 272 -4.57 -23.97 15.77
C GLN B 272 -3.62 -25.09 15.40
N ASN B 273 -3.38 -25.96 16.38
CA ASN B 273 -2.61 -27.18 16.17
C ASN B 273 -3.50 -28.17 15.43
N LEU B 274 -3.05 -28.57 14.23
CA LEU B 274 -3.85 -29.48 13.42
C LEU B 274 -3.30 -30.90 13.48
N ASP B 275 -2.56 -31.22 14.54
CA ASP B 275 -1.98 -32.56 14.61
C ASP B 275 -3.10 -33.60 14.63
N GLY B 276 -2.88 -34.68 13.91
CA GLY B 276 -3.88 -35.74 13.83
C GLY B 276 -4.99 -35.44 12.84
N TRP B 277 -5.04 -34.26 12.23
CA TRP B 277 -6.08 -33.99 11.25
C TRP B 277 -5.89 -34.79 9.97
N ASP B 278 -6.99 -35.11 9.28
CA ASP B 278 -6.86 -35.90 8.06
C ASP B 278 -6.15 -35.13 6.97
N SER B 279 -6.25 -33.82 7.05
CA SER B 279 -5.69 -32.92 6.04
C SER B 279 -5.74 -31.52 6.60
N VAL B 280 -4.96 -30.63 5.98
CA VAL B 280 -5.01 -29.21 6.34
C VAL B 280 -5.95 -28.50 5.39
N PRO B 281 -7.16 -28.17 5.81
CA PRO B 281 -8.12 -27.58 4.86
C PRO B 281 -7.74 -26.16 4.50
N THR B 282 -8.13 -25.78 3.28
CA THR B 282 -8.07 -24.38 2.90
C THR B 282 -9.15 -23.58 3.63
N LEU B 283 -9.14 -22.25 3.50
CA LEU B 283 -10.19 -21.44 4.10
C LEU B 283 -11.55 -21.75 3.48
N GLN B 284 -11.62 -21.95 2.17
CA GLN B 284 -12.89 -22.31 1.54
C GLN B 284 -13.38 -23.66 2.03
N ASP B 285 -12.50 -24.65 2.09
CA ASP B 285 -12.95 -25.97 2.58
C ASP B 285 -13.34 -25.92 4.06
N MET B 286 -12.64 -25.15 4.88
CA MET B 286 -13.02 -25.06 6.31
C MET B 286 -14.41 -24.46 6.44
N THR B 287 -14.70 -23.48 5.59
CA THR B 287 -16.02 -22.83 5.61
C THR B 287 -17.09 -23.79 5.13
N PHE B 288 -16.81 -24.54 4.07
CA PHE B 288 -17.68 -25.61 3.60
C PHE B 288 -18.05 -26.59 4.72
N ARG B 289 -17.02 -27.03 5.44
CA ARG B 289 -17.23 -27.98 6.53
C ARG B 289 -18.02 -27.35 7.66
N LEU B 290 -17.80 -26.08 7.98
CA LEU B 290 -18.63 -25.41 8.97
C LEU B 290 -20.11 -25.51 8.63
N LEU B 291 -20.47 -25.31 7.37
CA LEU B 291 -21.88 -25.24 6.99
C LEU B 291 -22.51 -26.60 6.76
N THR B 292 -21.66 -27.61 6.54
CA THR B 292 -22.24 -28.90 6.15
C THR B 292 -22.05 -30.00 7.17
N THR B 293 -21.25 -29.82 8.22
CA THR B 293 -21.12 -30.91 9.20
C THR B 293 -22.37 -30.99 10.07
N GLY B 294 -23.10 -32.08 10.00
CA GLY B 294 -24.32 -32.24 10.77
C GLY B 294 -24.09 -32.61 12.21
N GLY B 295 -25.16 -32.60 13.03
CA GLY B 295 -25.04 -33.14 14.38
C GLY B 295 -24.45 -32.20 15.39
N LEU B 296 -24.10 -30.98 15.00
CA LEU B 296 -23.52 -30.04 15.95
C LEU B 296 -24.58 -29.24 16.68
N ASN B 297 -24.30 -28.89 17.93
CA ASN B 297 -25.23 -27.99 18.63
C ASN B 297 -24.76 -26.54 18.50
N TRP B 298 -25.57 -25.63 19.02
CA TRP B 298 -25.30 -24.19 18.96
C TRP B 298 -24.01 -23.82 19.68
N GLY B 299 -23.77 -24.44 20.83
CA GLY B 299 -22.54 -24.24 21.58
C GLY B 299 -21.30 -24.55 20.76
N GLU B 300 -21.35 -25.69 20.07
CA GLU B 300 -20.22 -26.18 19.28
C GLU B 300 -20.01 -25.28 18.07
N PHE B 301 -21.08 -24.84 17.42
CA PHE B 301 -20.95 -24.03 16.21
C PHE B 301 -20.45 -22.63 16.50
N SER B 302 -20.97 -22.04 17.57
CA SER B 302 -20.94 -20.61 17.75
C SER B 302 -19.64 -20.07 18.31
N SER B 303 -18.87 -20.85 19.06
CA SER B 303 -17.84 -20.21 19.88
C SER B 303 -16.65 -21.10 20.17
N THR B 304 -15.51 -20.42 20.35
CA THR B 304 -14.35 -21.08 20.93
C THR B 304 -14.60 -21.55 22.35
N ARG B 305 -15.62 -21.03 23.03
CA ARG B 305 -15.86 -21.40 24.42
C ARG B 305 -16.17 -22.87 24.60
N TYR B 306 -16.78 -23.50 23.60
CA TYR B 306 -17.19 -24.89 23.85
C TYR B 306 -16.00 -25.73 24.27
N ASP B 307 -14.82 -25.41 23.75
CA ASP B 307 -13.65 -26.23 24.02
C ASP B 307 -12.58 -25.48 24.81
N GLN B 320 -8.18 -32.09 22.89
CA GLN B 320 -9.58 -32.10 23.33
C GLN B 320 -10.53 -31.69 22.20
N ALA B 321 -10.09 -30.77 21.36
CA ALA B 321 -10.91 -30.19 20.32
C ALA B 321 -11.28 -31.17 19.22
N PRO B 322 -12.41 -30.90 18.58
CA PRO B 322 -12.75 -31.69 17.40
C PRO B 322 -11.67 -31.55 16.34
N LYS B 323 -11.59 -32.55 15.46
CA LYS B 323 -10.66 -32.45 14.34
C LYS B 323 -11.46 -32.39 13.04
N ASN B 324 -10.85 -31.81 12.02
CA ASN B 324 -11.33 -31.84 10.65
C ASN B 324 -12.53 -30.93 10.44
N TRP B 325 -12.73 -30.02 11.39
CA TRP B 325 -13.85 -29.11 11.47
CA TRP B 325 -13.66 -28.92 11.20
C TRP B 325 -13.42 -27.94 12.36
N MET B 326 -13.87 -26.73 12.13
CA MET B 326 -13.63 -25.61 13.04
C MET B 326 -14.89 -24.80 13.26
N ASN B 327 -15.10 -24.32 14.47
CA ASN B 327 -16.28 -23.51 14.73
C ASN B 327 -16.20 -22.12 14.10
N LEU B 328 -17.35 -21.45 14.04
CA LEU B 328 -17.50 -20.15 13.42
C LEU B 328 -16.50 -19.12 13.94
N GLU B 329 -16.39 -19.03 15.27
CA GLU B 329 -15.58 -17.97 15.89
C GLU B 329 -14.11 -18.21 15.59
N ALA B 330 -13.68 -19.48 15.63
CA ALA B 330 -12.30 -19.83 15.31
C ALA B 330 -11.92 -19.55 13.85
N ILE B 331 -12.79 -19.86 12.89
CA ILE B 331 -12.51 -19.43 11.52
C ILE B 331 -12.41 -17.91 11.43
N HIS B 332 -13.39 -17.22 12.03
CA HIS B 332 -13.40 -15.77 12.07
C HIS B 332 -12.13 -15.19 12.66
N ASN B 333 -11.58 -15.84 13.68
CA ASN B 333 -10.38 -15.33 14.32
C ASN B 333 -9.19 -15.38 13.38
N ASN B 334 -9.07 -16.52 12.69
CA ASN B 334 -8.03 -16.69 11.68
C ASN B 334 -8.15 -15.66 10.56
N VAL B 335 -9.36 -15.44 10.05
CA VAL B 335 -9.52 -14.42 9.01
C VAL B 335 -9.08 -13.06 9.54
N HIS B 336 -9.42 -12.70 10.77
CA HIS B 336 -8.93 -11.45 11.33
C HIS B 336 -7.41 -11.35 11.24
N ASN B 337 -6.73 -12.40 11.67
CA ASN B 337 -5.27 -12.40 11.66
C ASN B 337 -4.73 -12.27 10.25
N TRP B 338 -5.35 -12.99 9.31
CA TRP B 338 -4.83 -13.01 7.94
C TRP B 338 -5.05 -11.69 7.22
N VAL B 339 -6.14 -10.99 7.55
CA VAL B 339 -6.37 -9.67 6.96
C VAL B 339 -5.48 -8.60 7.55
N GLY B 340 -5.34 -8.59 8.88
CA GLY B 340 -4.64 -7.48 9.52
C GLY B 340 -3.14 -7.64 9.55
N GLY B 341 -2.65 -8.87 9.59
CA GLY B 341 -1.23 -9.12 9.83
C GLY B 341 -1.02 -9.38 11.32
N PHE B 342 -0.37 -10.50 11.59
CA PHE B 342 -0.29 -11.06 12.94
C PHE B 342 1.15 -11.24 13.44
N MET B 343 2.14 -10.72 12.72
CA MET B 343 3.54 -10.82 13.09
C MET B 343 4.24 -9.45 13.07
N PHE B 344 4.41 -8.86 14.24
CA PHE B 344 5.05 -7.56 14.37
C PHE B 344 6.57 -7.75 14.35
N SER B 345 7.03 -8.68 15.19
CA SER B 345 8.47 -8.94 15.25
C SER B 345 8.89 -9.81 14.08
N ARG B 346 10.14 -9.64 13.65
CA ARG B 346 10.55 -10.36 12.44
C ARG B 346 10.53 -11.86 12.71
N PRO B 347 9.88 -12.63 11.85
CA PRO B 347 9.83 -14.09 11.99
C PRO B 347 11.00 -14.76 11.29
N GLY B 348 10.94 -16.10 11.22
CA GLY B 348 11.96 -16.85 10.52
C GLY B 348 11.84 -16.73 9.01
N ARG B 349 12.90 -17.15 8.33
CA ARG B 349 13.08 -16.98 6.90
C ARG B 349 11.83 -17.40 6.12
N HIS B 350 11.24 -18.51 6.54
CA HIS B 350 10.12 -19.10 5.81
C HIS B 350 8.87 -18.24 5.97
N ASP B 351 8.81 -17.44 7.04
CA ASP B 351 7.60 -16.66 7.31
C ASP B 351 7.78 -15.21 6.91
N LEU B 352 8.93 -14.82 6.34
CA LEU B 352 9.13 -13.42 5.98
C LEU B 352 8.08 -12.95 4.97
N LYS B 353 7.56 -13.85 4.15
CA LYS B 353 6.59 -13.47 3.12
C LYS B 353 5.27 -12.96 3.71
N LEU B 354 5.02 -13.21 4.99
CA LEU B 354 3.81 -12.78 5.69
C LEU B 354 4.13 -11.85 6.86
N TRP B 355 5.34 -11.34 6.97
CA TRP B 355 5.66 -10.40 8.05
C TRP B 355 4.83 -9.13 8.02
N GLY B 356 4.36 -8.71 9.20
CA GLY B 356 3.77 -7.39 9.39
C GLY B 356 2.49 -7.47 10.20
N ALA B 357 2.21 -6.43 10.99
CA ALA B 357 1.04 -6.44 11.85
C ALA B 357 0.13 -5.27 11.53
N GLY B 358 -1.14 -5.42 11.90
CA GLY B 358 -2.13 -4.38 11.62
C GLY B 358 -3.40 -4.56 12.41
N HIS B 359 -4.28 -3.56 12.30
CA HIS B 359 -5.42 -3.43 13.18
C HIS B 359 -6.33 -4.64 13.25
N MET B 360 -6.61 -5.28 12.11
CA MET B 360 -7.60 -6.36 12.11
C MET B 360 -7.18 -7.56 12.95
N SER B 361 -5.90 -7.71 13.27
CA SER B 361 -5.46 -8.85 14.09
C SER B 361 -5.58 -8.59 15.59
N SER B 362 -5.97 -7.40 15.98
CA SER B 362 -6.00 -7.02 17.40
C SER B 362 -7.42 -6.68 17.86
N VAL B 363 -7.97 -7.44 18.80
CA VAL B 363 -9.33 -7.21 19.27
C VAL B 363 -9.58 -5.76 19.65
N PRO B 364 -8.70 -5.12 20.42
CA PRO B 364 -8.97 -3.75 20.86
C PRO B 364 -9.17 -2.76 19.73
N VAL B 365 -8.61 -2.96 18.54
CA VAL B 365 -8.66 -1.94 17.49
C VAL B 365 -9.13 -2.46 16.14
N ALA B 366 -9.52 -3.72 16.02
CA ALA B 366 -9.92 -4.24 14.71
C ALA B 366 -11.08 -3.48 14.09
N ALA B 367 -12.03 -3.01 14.90
CA ALA B 367 -13.24 -2.41 14.33
C ALA B 367 -12.95 -1.10 13.64
N TYR B 368 -11.79 -0.49 13.86
CA TYR B 368 -11.47 0.75 13.13
C TYR B 368 -11.22 0.44 11.68
N ASP B 369 -10.81 -0.75 11.27
CA ASP B 369 -10.58 -0.97 9.82
C ASP B 369 -11.91 -1.19 9.15
N PRO B 370 -12.32 -0.42 8.15
CA PRO B 370 -13.65 -0.61 7.56
C PRO B 370 -13.94 -2.01 7.09
N ILE B 371 -12.95 -2.85 6.80
CA ILE B 371 -13.26 -4.23 6.38
C ILE B 371 -13.84 -5.04 7.53
N PHE B 372 -13.63 -4.63 8.76
CA PHE B 372 -14.19 -5.34 9.93
C PHE B 372 -15.66 -5.63 9.73
N TRP B 373 -16.39 -4.61 9.29
CA TRP B 373 -17.84 -4.69 9.21
C TRP B 373 -18.27 -5.62 8.08
N LEU B 374 -17.49 -5.65 7.00
CA LEU B 374 -17.80 -6.53 5.86
C LEU B 374 -17.54 -8.00 6.19
N HIS B 375 -16.47 -8.22 6.96
CA HIS B 375 -16.14 -9.52 7.51
C HIS B 375 -17.27 -9.99 8.42
N HIS B 376 -17.65 -9.12 9.38
CA HIS B 376 -18.76 -9.51 10.26
C HIS B 376 -20.09 -9.66 9.52
N CYS B 377 -20.28 -8.92 8.45
CA CYS B 377 -21.49 -9.17 7.65
C CYS B 377 -21.49 -10.59 7.11
N ASN B 378 -20.34 -11.09 6.62
CA ASN B 378 -20.32 -12.49 6.23
C ASN B 378 -20.42 -13.44 7.41
N ILE B 379 -19.82 -13.13 8.56
CA ILE B 379 -20.00 -14.02 9.73
C ILE B 379 -21.48 -14.08 10.11
N ASP B 380 -22.23 -13.00 9.95
CA ASP B 380 -23.67 -13.00 10.17
C ASP B 380 -24.41 -13.87 9.16
N ARG B 381 -24.00 -13.78 7.90
CA ARG B 381 -24.49 -14.64 6.84
C ARG B 381 -24.24 -16.12 7.09
N LEU B 382 -23.01 -16.47 7.45
CA LEU B 382 -22.71 -17.86 7.77
C LEU B 382 -23.56 -18.35 8.93
N THR B 383 -23.81 -17.48 9.92
CA THR B 383 -24.70 -17.87 11.01
C THR B 383 -26.10 -18.15 10.49
N ALA B 384 -26.61 -17.23 9.65
CA ALA B 384 -27.95 -17.40 9.10
C ALA B 384 -28.04 -18.68 8.28
N ILE B 385 -27.00 -19.05 7.54
CA ILE B 385 -27.04 -20.28 6.75
C ILE B 385 -27.07 -21.47 7.68
N TRP B 386 -26.20 -21.43 8.68
CA TRP B 386 -26.16 -22.57 9.60
C TRP B 386 -27.49 -22.71 10.32
N GLN B 387 -28.10 -21.60 10.71
CA GLN B 387 -29.38 -21.66 11.41
C GLN B 387 -30.40 -22.36 10.53
N THR B 388 -30.33 -22.01 9.24
CA THR B 388 -31.31 -22.48 8.27
C THR B 388 -31.26 -24.00 8.14
N VAL B 389 -30.04 -24.53 8.07
CA VAL B 389 -29.91 -25.97 7.92
C VAL B 389 -29.85 -26.70 9.26
N ASN B 390 -29.85 -26.00 10.38
CA ASN B 390 -29.83 -26.53 11.75
C ASN B 390 -30.90 -25.86 12.61
N SER B 391 -32.15 -25.89 12.16
CA SER B 391 -33.19 -25.03 12.69
C SER B 391 -33.53 -25.30 14.14
N GLY B 392 -33.17 -26.48 14.66
CA GLY B 392 -33.50 -26.85 16.01
C GLY B 392 -32.39 -26.61 17.02
N SER B 393 -31.33 -25.93 16.62
CA SER B 393 -30.17 -25.74 17.50
C SER B 393 -29.90 -24.28 17.84
N TRP B 394 -30.33 -23.84 19.03
CA TRP B 394 -30.29 -22.43 19.40
C TRP B 394 -30.26 -22.31 20.92
N PHE B 395 -29.05 -22.11 21.45
CA PHE B 395 -28.87 -21.86 22.88
C PHE B 395 -29.58 -22.90 23.72
N ASN B 396 -29.56 -24.14 23.26
CA ASN B 396 -30.37 -25.16 23.93
C ASN B 396 -29.61 -26.45 24.14
N ASP B 397 -28.29 -26.35 24.27
CA ASP B 397 -27.45 -27.40 24.82
C ASP B 397 -27.00 -26.97 26.22
N ASP B 398 -26.47 -27.90 27.02
CA ASP B 398 -26.14 -27.61 28.41
C ASP B 398 -25.17 -26.44 28.53
N LYS B 399 -24.27 -26.33 27.54
CA LYS B 399 -23.25 -25.30 27.68
C LYS B 399 -23.80 -23.94 27.29
N SER B 400 -24.38 -23.83 26.10
CA SER B 400 -24.76 -22.48 25.67
C SER B 400 -26.00 -21.94 26.34
N LYS B 401 -26.80 -22.78 27.01
CA LYS B 401 -28.11 -22.34 27.45
C LYS B 401 -27.99 -21.24 28.50
N VAL B 402 -26.90 -21.30 29.27
CA VAL B 402 -26.77 -20.34 30.37
C VAL B 402 -26.50 -18.93 29.89
N SER B 403 -26.04 -18.77 28.64
CA SER B 403 -25.79 -17.41 28.18
C SER B 403 -26.96 -16.83 27.40
N LYS B 404 -28.01 -17.63 27.18
CA LYS B 404 -29.04 -17.22 26.26
C LYS B 404 -29.60 -15.84 26.57
N ASP B 405 -29.87 -15.57 27.85
CA ASP B 405 -30.62 -14.35 28.15
C ASP B 405 -29.71 -13.22 28.60
N ASP B 406 -28.44 -13.29 28.21
CA ASP B 406 -27.50 -12.21 28.49
C ASP B 406 -27.91 -10.91 27.81
N ASP B 407 -27.92 -9.80 28.54
CA ASP B 407 -28.10 -8.53 27.82
C ASP B 407 -26.96 -8.27 26.84
N LEU B 408 -27.28 -7.94 25.61
CA LEU B 408 -26.28 -7.59 24.61
C LEU B 408 -25.99 -6.10 24.65
N ARG B 409 -25.39 -5.66 25.76
CA ARG B 409 -25.00 -4.26 25.95
C ARG B 409 -24.00 -3.89 24.87
N PRO B 410 -24.01 -2.65 24.37
CA PRO B 410 -24.83 -1.54 24.86
C PRO B 410 -26.11 -1.30 24.06
N PHE B 411 -26.59 -2.30 23.33
CA PHE B 411 -27.60 -2.11 22.28
C PHE B 411 -29.02 -2.06 22.83
N HIS B 412 -29.70 -0.93 22.61
CA HIS B 412 -31.07 -0.74 23.08
C HIS B 412 -32.12 -1.01 22.01
N ARG B 413 -33.27 -1.53 22.41
CA ARG B 413 -34.45 -1.67 21.56
C ARG B 413 -35.70 -1.36 22.39
N PHE B 414 -36.80 -1.07 21.70
CA PHE B 414 -38.08 -0.85 22.36
C PHE B 414 -38.86 -2.15 22.55
N CYS B 415 -39.31 -2.43 23.76
CA CYS B 415 -40.20 -3.52 24.13
C CYS B 415 -41.63 -3.03 24.39
N THR B 418 -44.63 -3.72 26.42
CA THR B 418 -44.35 -3.18 27.75
C THR B 418 -43.95 -1.71 27.69
N ARG B 419 -43.64 -1.23 26.48
CA ARG B 419 -43.39 0.18 26.22
C ARG B 419 -42.17 0.71 26.95
N LYS B 420 -41.21 -0.16 27.26
CA LYS B 420 -39.95 0.25 27.86
C LYS B 420 -38.79 -0.02 26.91
N VAL B 421 -37.76 0.82 27.01
CA VAL B 421 -36.49 0.52 26.37
C VAL B 421 -35.71 -0.49 27.19
N VAL B 422 -35.17 -1.52 26.53
CA VAL B 422 -34.41 -2.59 27.15
C VAL B 422 -33.18 -2.89 26.29
N PHE B 423 -32.27 -3.70 26.81
CA PHE B 423 -31.16 -4.22 26.02
C PHE B 423 -31.66 -5.33 25.09
N PHE B 424 -31.08 -5.43 23.90
CA PHE B 424 -31.25 -6.59 23.06
C PHE B 424 -30.90 -7.89 23.78
N ARG B 425 -31.59 -8.96 23.43
CA ARG B 425 -31.25 -10.32 23.84
C ARG B 425 -31.09 -11.20 22.60
N SER B 426 -30.33 -12.28 22.73
CA SER B 426 -30.10 -13.14 21.57
C SER B 426 -31.41 -13.57 20.93
N ASP B 427 -32.44 -13.87 21.73
CA ASP B 427 -33.70 -14.31 21.11
C ASP B 427 -34.34 -13.24 20.24
N ASP B 428 -34.10 -11.95 20.52
CA ASP B 428 -34.65 -10.90 19.67
C ASP B 428 -34.10 -10.94 18.25
N VAL B 429 -32.96 -11.61 18.05
CA VAL B 429 -32.38 -11.58 16.70
C VAL B 429 -32.20 -12.98 16.11
N LYS B 430 -32.79 -13.98 16.74
CA LYS B 430 -32.79 -15.33 16.15
C LYS B 430 -33.28 -15.26 14.71
N ASP B 431 -34.39 -14.56 14.47
CA ASP B 431 -34.82 -14.33 13.09
C ASP B 431 -34.26 -13.00 12.60
N TRP B 432 -33.20 -13.10 11.79
CA TRP B 432 -32.52 -11.89 11.34
C TRP B 432 -33.47 -11.04 10.50
N ARG B 433 -34.49 -11.69 9.92
CA ARG B 433 -35.43 -10.95 9.07
C ARG B 433 -36.23 -9.92 9.86
N SER B 434 -36.27 -10.07 11.18
CA SER B 434 -36.94 -9.07 12.02
C SER B 434 -36.19 -7.75 11.98
N LEU B 435 -34.93 -7.77 11.54
CA LEU B 435 -34.14 -6.55 11.39
C LEU B 435 -34.21 -6.00 9.96
N ASN B 436 -35.10 -6.56 9.16
CA ASN B 436 -35.41 -6.11 7.82
C ASN B 436 -34.24 -6.23 6.85
N TYR B 437 -33.51 -7.35 6.90
CA TYR B 437 -32.59 -7.69 5.83
C TYR B 437 -32.66 -9.20 5.60
N ASP B 438 -32.10 -9.60 4.47
CA ASP B 438 -31.92 -11.05 4.27
C ASP B 438 -30.67 -11.27 3.41
N TYR B 439 -30.31 -12.50 3.16
CA TYR B 439 -29.26 -12.87 2.21
C TYR B 439 -29.90 -13.66 1.07
N ALA B 440 -29.32 -13.55 -0.12
CA ALA B 440 -29.83 -14.34 -1.24
C ALA B 440 -29.86 -15.81 -0.87
N ILE B 441 -28.81 -16.30 -0.23
CA ILE B 441 -28.67 -17.73 -0.03
C ILE B 441 -29.67 -18.27 0.98
N THR B 442 -30.10 -17.45 1.94
CA THR B 442 -31.13 -17.91 2.87
C THR B 442 -32.53 -17.62 2.37
N LYS B 443 -32.72 -16.62 1.51
CA LYS B 443 -34.05 -16.36 0.98
C LYS B 443 -34.53 -17.52 0.11
N ASP B 444 -33.61 -18.10 -0.63
CA ASP B 444 -33.85 -19.29 -1.45
C ASP B 444 -33.53 -20.57 -0.69
N ALA B 445 -34.17 -20.83 0.45
CA ALA B 445 -33.73 -21.95 1.28
C ALA B 445 -33.82 -23.31 0.59
N SER B 446 -34.72 -23.48 -0.37
CA SER B 446 -34.84 -24.76 -1.06
C SER B 446 -33.54 -25.17 -1.75
N ARG B 447 -32.82 -24.19 -2.28
CA ARG B 447 -31.57 -24.43 -2.99
C ARG B 447 -30.35 -24.41 -2.08
N ILE B 448 -30.53 -24.21 -0.78
CA ILE B 448 -29.39 -23.78 0.02
C ILE B 448 -28.28 -24.82 0.04
N ARG B 449 -28.58 -26.12 0.10
CA ARG B 449 -27.43 -27.04 0.17
C ARG B 449 -26.68 -27.09 -1.15
N LYS B 450 -27.39 -27.00 -2.27
CA LYS B 450 -26.75 -26.91 -3.57
C LYS B 450 -25.93 -25.63 -3.71
N GLU B 451 -26.46 -24.53 -3.18
CA GLU B 451 -25.67 -23.29 -3.25
C GLU B 451 -24.40 -23.38 -2.42
N ILE B 452 -24.47 -23.98 -1.23
CA ILE B 452 -23.25 -24.10 -0.41
C ILE B 452 -22.22 -24.93 -1.17
N SER B 453 -22.66 -25.99 -1.83
CA SER B 453 -21.73 -26.83 -2.59
C SER B 453 -21.14 -26.07 -3.76
N ASP B 454 -21.98 -25.32 -4.50
CA ASP B 454 -21.45 -24.61 -5.65
C ASP B 454 -20.43 -23.54 -5.26
N LEU B 455 -20.67 -22.86 -4.13
CA LEU B 455 -19.78 -21.80 -3.73
C LEU B 455 -18.52 -22.29 -3.05
N TYR B 456 -18.68 -23.33 -2.21
CA TYR B 456 -17.61 -23.66 -1.28
C TYR B 456 -17.18 -25.11 -1.35
N GLY B 457 -17.86 -25.94 -2.14
CA GLY B 457 -17.53 -27.36 -2.22
C GLY B 457 -16.32 -27.55 -3.10
N GLN B 458 -15.54 -28.61 -2.81
CA GLN B 458 -14.25 -28.73 -3.50
C GLN B 458 -14.43 -29.52 -4.79
#